data_9G3D
#
_entry.id   9G3D
#
_cell.length_a   1.00
_cell.length_b   1.00
_cell.length_c   1.00
_cell.angle_alpha   90.00
_cell.angle_beta   90.00
_cell.angle_gamma   90.00
#
_symmetry.space_group_name_H-M   'P 1'
#
loop_
_entity.id
_entity.type
_entity.pdbx_description
1 polymer 'Peptide antibiotic transporter SbmA'
2 polymer 'Sybody 2'
3 non-polymer '(1S)-2-{[{[(2R)-2,3-DIHYDROXYPROPYL]OXY}(HYDROXY)PHOSPHORYL]OXY}-1-[(PALMITOYLOXY)METHYL]ETHYL STEARATE'
#
loop_
_entity_poly.entity_id
_entity_poly.type
_entity_poly.pdbx_seq_one_letter_code
_entity_poly.pdbx_strand_id
1 'polypeptide(L)'
;MSFKSFFPKPGTFFLSAFVWALIAVIFWQAGGGDWVARITGASGQIPISAARFWSLDFLIFYAYYIVCVGLFALFWFIYS
PHRWQYWSILGTALIIFVTWFLVEVGVAVNAWYAPFYDLIQTALSSPHKVTIEQFYREVGVFLGIALIAVVISVLNNFFV
SHYVFRWRTAMNEYYMANWQQLRHIEGAAQRVQEDTMRFASTLENMGVSFINAIMTLIAFLPVLVTLSAHVPELPIIGHI
PYGLVIAAIVWSLMGTGLLAVVGIKLPGLEFKNQRVEAAYRKELVYGEDDATRATPPTVRELFSAVRKNYFRLYFHYMYF
NIARILYLQVDNVFGLFLLFPSIVAGTITLGLMTQITNVFGQVRGAFQYLINSWTTLVELMSIYKRLRSFEHELDGDKIQ
EVTHTLSALEVLFQGPHHHHHHHHHH
;
A,B
2 'polypeptide(L)'
;MAGSSSQVQLVESGGGLVQAGGSLRLSCAASGFPVIANVMYWYRQAPGKEREWVAAIDSSGEYAYYADSVKGRFTISRDN
AKNTVYLQMNSLKPEDTAVYYCYVKVGSHYWGQGTQVTVSAGRAGEQRLISEEDLNSAVDHHHHHH
;
C,D
#
loop_
_chem_comp.id
_chem_comp.type
_chem_comp.name
_chem_comp.formula
PGT non-polymer '(1S)-2-{[{[(2R)-2,3-DIHYDROXYPROPYL]OXY}(HYDROXY)PHOSPHORYL]OXY}-1-[(PALMITOYLOXY)METHYL]ETHYL STEARATE' 'C40 H79 O10 P'
#
# COMPACT_ATOMS: atom_id res chain seq x y z
N PHE A 7 19.01 31.20 -7.85
CA PHE A 7 17.91 31.48 -8.76
C PHE A 7 18.06 32.86 -9.38
N PRO A 8 18.73 32.94 -10.53
CA PRO A 8 18.90 34.24 -11.18
C PRO A 8 17.59 34.79 -11.72
N LYS A 9 17.09 35.88 -11.13
CA LYS A 9 15.84 36.51 -11.53
C LYS A 9 14.72 35.49 -11.54
N PRO A 10 14.23 35.05 -10.38
CA PRO A 10 13.31 33.90 -10.34
C PRO A 10 12.06 34.08 -11.18
N GLY A 11 11.50 35.29 -11.22
CA GLY A 11 10.29 35.51 -12.01
C GLY A 11 10.49 35.20 -13.48
N THR A 12 11.60 35.67 -14.05
CA THR A 12 11.96 35.30 -15.41
C THR A 12 12.50 33.88 -15.48
N PHE A 13 13.21 33.43 -14.43
CA PHE A 13 13.88 32.14 -14.48
C PHE A 13 12.88 31.00 -14.61
N PHE A 14 11.85 30.98 -13.76
CA PHE A 14 10.91 29.87 -13.78
C PHE A 14 10.10 29.85 -15.08
N LEU A 15 9.69 31.02 -15.56
CA LEU A 15 8.94 31.09 -16.81
C LEU A 15 9.79 30.63 -17.99
N SER A 16 11.07 31.04 -18.03
CA SER A 16 11.95 30.58 -19.10
C SER A 16 12.18 29.08 -19.00
N ALA A 17 12.31 28.54 -17.78
CA ALA A 17 12.47 27.11 -17.61
C ALA A 17 11.25 26.37 -18.14
N PHE A 18 10.04 26.86 -17.84
CA PHE A 18 8.84 26.20 -18.32
C PHE A 18 8.74 26.29 -19.85
N VAL A 19 9.09 27.45 -20.43
CA VAL A 19 9.05 27.59 -21.88
C VAL A 19 10.02 26.62 -22.53
N TRP A 20 11.24 26.53 -22.01
CA TRP A 20 12.23 25.61 -22.57
C TRP A 20 11.79 24.16 -22.41
N ALA A 21 11.18 23.82 -21.27
CA ALA A 21 10.70 22.46 -21.07
C ALA A 21 9.61 22.13 -22.07
N LEU A 22 8.68 23.06 -22.30
CA LEU A 22 7.61 22.82 -23.28
C LEU A 22 8.17 22.67 -24.68
N ILE A 23 9.14 23.52 -25.05
CA ILE A 23 9.75 23.43 -26.37
C ILE A 23 10.45 22.09 -26.56
N ALA A 24 11.23 21.67 -25.55
CA ALA A 24 11.95 20.41 -25.64
C ALA A 24 11.00 19.22 -25.71
N VAL A 25 9.92 19.25 -24.92
CA VAL A 25 8.95 18.17 -24.96
C VAL A 25 8.26 18.11 -26.32
N ILE A 26 7.90 19.28 -26.87
CA ILE A 26 7.24 19.31 -28.17
C ILE A 26 8.17 18.76 -29.25
N PHE A 27 9.44 19.16 -29.21
CA PHE A 27 10.38 18.66 -30.22
C PHE A 27 10.62 17.17 -30.08
N TRP A 28 10.77 16.67 -28.85
CA TRP A 28 11.02 15.25 -28.68
C TRP A 28 9.80 14.42 -29.06
N GLN A 29 8.60 14.83 -28.63
CA GLN A 29 7.39 14.13 -29.01
C GLN A 29 6.94 14.58 -30.40
N ALA A 30 7.85 14.49 -31.36
CA ALA A 30 7.62 14.90 -32.73
C ALA A 30 8.64 14.18 -33.61
N GLY A 31 8.82 14.67 -34.84
CA GLY A 31 9.75 14.05 -35.77
C GLY A 31 11.18 13.98 -35.25
N GLY A 32 11.55 14.86 -34.34
CA GLY A 32 12.91 14.81 -33.80
C GLY A 32 13.19 13.57 -32.98
N GLY A 33 12.23 13.16 -32.15
CA GLY A 33 12.42 11.97 -31.34
C GLY A 33 12.65 10.72 -32.16
N ASP A 34 11.88 10.55 -33.23
CA ASP A 34 12.08 9.42 -34.11
C ASP A 34 13.32 9.61 -34.99
N TRP A 35 13.64 10.85 -35.35
CA TRP A 35 14.80 11.11 -36.19
C TRP A 35 16.10 10.76 -35.48
N VAL A 36 16.18 11.04 -34.18
CA VAL A 36 17.39 10.70 -33.42
C VAL A 36 17.59 9.19 -33.43
N ALA A 37 16.51 8.42 -33.22
CA ALA A 37 16.62 6.97 -33.27
C ALA A 37 16.99 6.48 -34.66
N ARG A 38 16.40 7.09 -35.69
CA ARG A 38 16.69 6.68 -37.07
C ARG A 38 18.15 6.91 -37.42
N ILE A 39 18.70 8.07 -37.07
CA ILE A 39 20.09 8.36 -37.36
C ILE A 39 21.01 7.60 -36.42
N THR A 40 20.47 7.11 -35.29
CA THR A 40 21.27 6.38 -34.32
C THR A 40 21.15 4.86 -34.46
N GLY A 41 19.98 4.36 -34.82
CA GLY A 41 19.77 2.93 -34.95
C GLY A 41 19.10 2.32 -33.73
N ALA A 42 18.04 2.96 -33.26
CA ALA A 42 17.30 2.51 -32.09
C ALA A 42 15.91 2.03 -32.50
N SER A 43 15.42 1.02 -31.79
CA SER A 43 14.12 0.43 -32.05
C SER A 43 13.30 0.41 -30.77
N GLY A 44 11.99 0.47 -30.92
CA GLY A 44 11.10 0.44 -29.78
C GLY A 44 10.92 -0.94 -29.20
N GLN A 45 12.03 -1.57 -28.81
CA GLN A 45 12.05 -2.91 -28.25
C GLN A 45 12.55 -2.89 -26.81
N ILE A 46 12.05 -1.94 -26.03
CA ILE A 46 12.47 -1.74 -24.65
C ILE A 46 12.19 -3.00 -23.83
N PRO A 47 13.20 -3.58 -23.18
CA PRO A 47 12.97 -4.80 -22.40
C PRO A 47 12.17 -4.55 -21.13
N ILE A 48 11.96 -5.60 -20.35
CA ILE A 48 11.27 -5.48 -19.07
C ILE A 48 12.23 -5.61 -17.90
N SER A 49 13.45 -6.10 -18.11
CA SER A 49 14.45 -6.17 -17.05
C SER A 49 15.06 -4.79 -16.84
N ALA A 50 16.11 -4.72 -16.01
CA ALA A 50 16.80 -3.45 -15.80
C ALA A 50 17.62 -3.03 -17.00
N ALA A 51 17.87 -3.95 -17.94
CA ALA A 51 18.68 -3.64 -19.11
C ALA A 51 18.03 -2.60 -20.01
N ARG A 52 16.80 -2.18 -19.70
CA ARG A 52 16.18 -1.09 -20.44
C ARG A 52 16.70 0.28 -20.01
N PHE A 53 17.34 0.38 -18.85
CA PHE A 53 17.80 1.69 -18.38
C PHE A 53 19.10 2.11 -19.01
N TRP A 54 19.52 1.29 -19.96
CA TRP A 54 20.57 1.64 -20.91
C TRP A 54 20.10 1.12 -22.25
N SER A 55 21.03 1.00 -23.21
CA SER A 55 20.74 0.70 -24.61
C SER A 55 20.20 1.96 -25.27
N LEU A 56 20.20 2.00 -26.61
CA LEU A 56 20.11 3.26 -27.31
C LEU A 56 18.77 3.96 -27.07
N ASP A 57 17.71 3.21 -26.79
CA ASP A 57 16.40 3.84 -26.62
C ASP A 57 16.38 4.83 -25.47
N PHE A 58 17.01 4.47 -24.35
CA PHE A 58 17.13 5.39 -23.22
C PHE A 58 18.39 6.24 -23.28
N LEU A 59 19.45 5.73 -23.93
CA LEU A 59 20.68 6.50 -24.04
C LEU A 59 20.49 7.76 -24.86
N ILE A 60 19.71 7.69 -25.94
CA ILE A 60 19.48 8.88 -26.75
C ILE A 60 18.69 9.92 -25.94
N PHE A 61 17.75 9.47 -25.11
CA PHE A 61 17.02 10.43 -24.29
C PHE A 61 17.93 11.06 -23.24
N TYR A 62 18.81 10.26 -22.65
CA TYR A 62 19.74 10.82 -21.67
C TYR A 62 20.63 11.87 -22.31
N ALA A 63 21.15 11.58 -23.50
CA ALA A 63 21.97 12.56 -24.21
C ALA A 63 21.17 13.81 -24.57
N TYR A 64 19.91 13.63 -25.00
CA TYR A 64 19.09 14.78 -25.34
C TYR A 64 18.81 15.65 -24.14
N TYR A 65 18.50 15.04 -23.00
CA TYR A 65 18.29 15.81 -21.77
C TYR A 65 19.56 16.56 -21.37
N ILE A 66 20.72 15.89 -21.48
CA ILE A 66 21.97 16.54 -21.15
C ILE A 66 22.21 17.74 -22.05
N VAL A 67 21.97 17.58 -23.35
CA VAL A 67 22.21 18.67 -24.31
C VAL A 67 21.26 19.83 -24.05
N CYS A 68 19.98 19.56 -23.85
CA CYS A 68 19.02 20.64 -23.64
C CYS A 68 19.31 21.38 -22.33
N VAL A 69 19.61 20.65 -21.26
CA VAL A 69 19.93 21.30 -19.99
C VAL A 69 21.24 22.08 -20.11
N GLY A 70 22.19 21.57 -20.89
CA GLY A 70 23.42 22.31 -21.10
C GLY A 70 23.19 23.61 -21.84
N LEU A 71 22.34 23.59 -22.87
CA LEU A 71 22.02 24.82 -23.58
C LEU A 71 21.32 25.82 -22.66
N PHE A 72 20.35 25.35 -21.87
CA PHE A 72 19.66 26.24 -20.94
C PHE A 72 20.62 26.83 -19.92
N ALA A 73 21.50 26.00 -19.37
CA ALA A 73 22.47 26.47 -18.38
C ALA A 73 23.46 27.45 -19.00
N LEU A 74 23.89 27.21 -20.24
CA LEU A 74 24.79 28.15 -20.90
C LEU A 74 24.10 29.50 -21.11
N PHE A 75 22.84 29.48 -21.54
CA PHE A 75 22.13 30.74 -21.74
C PHE A 75 21.98 31.50 -20.43
N TRP A 76 21.64 30.80 -19.34
CA TRP A 76 21.47 31.48 -18.07
C TRP A 76 22.78 31.84 -17.40
N PHE A 77 23.88 31.18 -17.75
CA PHE A 77 25.19 31.58 -17.24
C PHE A 77 25.70 32.82 -17.96
N ILE A 78 25.41 32.95 -19.26
CA ILE A 78 25.86 34.14 -19.97
C ILE A 78 24.91 35.32 -19.73
N TYR A 79 23.62 35.06 -19.52
CA TYR A 79 22.66 36.14 -19.35
C TYR A 79 22.91 36.91 -18.06
N SER A 80 23.03 36.20 -16.94
CA SER A 80 23.21 36.84 -15.64
C SER A 80 23.88 35.87 -14.67
N PRO A 81 25.19 35.91 -14.52
CA PRO A 81 25.86 34.99 -13.60
C PRO A 81 25.39 35.18 -12.17
N HIS A 82 25.32 34.06 -11.45
CA HIS A 82 24.92 34.04 -10.05
C HIS A 82 25.87 33.11 -9.30
N ARG A 83 26.08 33.39 -8.00
CA ARG A 83 27.03 32.60 -7.24
C ARG A 83 26.60 31.14 -7.15
N TRP A 84 25.33 30.90 -6.84
CA TRP A 84 24.78 29.54 -6.77
C TRP A 84 24.14 29.15 -8.09
N GLN A 85 24.87 29.29 -9.19
CA GLN A 85 24.34 28.90 -10.48
C GLN A 85 24.54 27.42 -10.77
N TYR A 86 25.52 26.78 -10.12
CA TYR A 86 25.76 25.36 -10.28
C TYR A 86 24.92 24.52 -9.32
N TRP A 87 24.14 25.15 -8.45
CA TRP A 87 23.22 24.45 -7.56
C TRP A 87 21.76 24.74 -7.85
N SER A 88 21.45 25.92 -8.39
CA SER A 88 20.06 26.28 -8.69
C SER A 88 19.64 25.89 -10.09
N ILE A 89 20.56 25.93 -11.06
CA ILE A 89 20.24 25.61 -12.44
C ILE A 89 20.54 24.14 -12.71
N LEU A 90 21.78 23.72 -12.46
CA LEU A 90 22.16 22.33 -12.71
C LEU A 90 21.58 21.39 -11.66
N GLY A 91 21.59 21.82 -10.39
CA GLY A 91 21.06 20.97 -9.34
C GLY A 91 19.58 20.68 -9.51
N THR A 92 18.80 21.72 -9.85
CA THR A 92 17.37 21.51 -10.06
C THR A 92 17.11 20.62 -11.26
N ALA A 93 17.89 20.79 -12.32
CA ALA A 93 17.76 19.91 -13.47
C ALA A 93 18.04 18.46 -13.10
N LEU A 94 19.08 18.24 -12.29
CA LEU A 94 19.39 16.88 -11.85
C LEU A 94 18.26 16.31 -10.99
N ILE A 95 17.69 17.13 -10.12
CA ILE A 95 16.59 16.65 -9.27
C ILE A 95 15.39 16.25 -10.13
N ILE A 96 15.06 17.08 -11.13
CA ILE A 96 13.95 16.77 -12.02
C ILE A 96 14.22 15.49 -12.80
N PHE A 97 15.45 15.34 -13.30
CA PHE A 97 15.78 14.13 -14.06
C PHE A 97 15.70 12.89 -13.18
N VAL A 98 16.15 12.97 -11.93
CA VAL A 98 16.08 11.82 -11.06
C VAL A 98 14.64 11.49 -10.71
N THR A 99 13.79 12.51 -10.53
CA THR A 99 12.37 12.23 -10.31
C THR A 99 11.76 11.51 -11.51
N TRP A 100 12.10 11.95 -12.73
CA TRP A 100 11.62 11.27 -13.91
C TRP A 100 12.13 9.83 -13.97
N PHE A 101 13.40 9.62 -13.60
CA PHE A 101 13.97 8.29 -13.62
C PHE A 101 13.27 7.37 -12.64
N LEU A 102 12.94 7.87 -11.45
CA LEU A 102 12.18 7.05 -10.50
C LEU A 102 10.78 6.74 -11.02
N VAL A 103 10.16 7.70 -11.70
CA VAL A 103 8.87 7.42 -12.33
C VAL A 103 9.02 6.30 -13.36
N GLU A 104 10.09 6.32 -14.14
CA GLU A 104 10.29 5.28 -15.14
C GLU A 104 10.61 3.93 -14.51
N VAL A 105 11.28 3.93 -13.36
CA VAL A 105 11.49 2.68 -12.63
C VAL A 105 10.15 2.10 -12.18
N GLY A 106 9.28 2.96 -11.67
CA GLY A 106 7.94 2.51 -11.32
C GLY A 106 7.18 1.96 -12.51
N VAL A 107 7.34 2.60 -13.67
CA VAL A 107 6.71 2.11 -14.89
C VAL A 107 7.24 0.74 -15.26
N ALA A 108 8.56 0.54 -15.12
CA ALA A 108 9.16 -0.75 -15.42
C ALA A 108 8.61 -1.84 -14.51
N VAL A 109 8.48 -1.54 -13.22
CA VAL A 109 7.93 -2.53 -12.28
C VAL A 109 6.49 -2.85 -12.63
N ASN A 110 5.70 -1.82 -12.97
CA ASN A 110 4.31 -2.04 -13.37
C ASN A 110 4.23 -2.94 -14.59
N ALA A 111 5.13 -2.72 -15.57
CA ALA A 111 5.16 -3.57 -16.74
C ALA A 111 5.58 -4.99 -16.39
N TRP A 112 6.49 -5.14 -15.43
CA TRP A 112 6.93 -6.48 -15.02
C TRP A 112 5.82 -7.25 -14.31
N TYR A 113 4.87 -6.55 -13.70
CA TYR A 113 3.78 -7.26 -13.01
C TYR A 113 2.96 -8.16 -13.94
N ALA A 114 2.98 -7.92 -15.25
CA ALA A 114 2.13 -8.72 -16.13
C ALA A 114 2.68 -10.12 -16.40
N PRO A 115 3.93 -10.27 -16.88
CA PRO A 115 4.44 -11.64 -17.08
C PRO A 115 4.53 -12.44 -15.80
N PHE A 116 4.85 -11.79 -14.67
CA PHE A 116 4.97 -12.51 -13.41
C PHE A 116 3.65 -13.15 -13.01
N TYR A 117 2.57 -12.39 -13.05
CA TYR A 117 1.28 -12.93 -12.65
C TYR A 117 0.66 -13.81 -13.72
N ASP A 118 1.01 -13.63 -15.00
CA ASP A 118 0.66 -14.64 -15.99
C ASP A 118 1.31 -15.98 -15.66
N LEU A 119 2.57 -15.95 -15.26
CA LEU A 119 3.26 -17.17 -14.83
C LEU A 119 2.63 -17.76 -13.57
N ILE A 120 2.23 -16.89 -12.64
CA ILE A 120 1.57 -17.37 -11.42
C ILE A 120 0.26 -18.06 -11.75
N GLN A 121 -0.53 -17.46 -12.64
CA GLN A 121 -1.79 -18.09 -13.06
C GLN A 121 -1.54 -19.42 -13.75
N THR A 122 -0.52 -19.49 -14.61
CA THR A 122 -0.19 -20.74 -15.28
C THR A 122 0.21 -21.81 -14.27
N ALA A 123 1.02 -21.44 -13.27
CA ALA A 123 1.44 -22.40 -12.25
C ALA A 123 0.26 -22.88 -11.41
N LEU A 124 -0.64 -21.98 -11.05
CA LEU A 124 -1.80 -22.35 -10.24
C LEU A 124 -2.85 -23.11 -11.04
N SER A 125 -2.80 -23.04 -12.38
CA SER A 125 -3.79 -23.75 -13.18
C SER A 125 -3.69 -25.26 -12.98
N SER A 126 -2.46 -25.79 -12.98
CA SER A 126 -2.25 -27.22 -12.79
C SER A 126 -0.98 -27.42 -11.97
N PRO A 127 -1.00 -28.29 -10.97
CA PRO A 127 0.19 -28.48 -10.12
C PRO A 127 1.36 -29.02 -10.92
N HIS A 128 2.54 -28.49 -10.61
CA HIS A 128 3.80 -28.92 -11.23
C HIS A 128 3.78 -28.78 -12.75
N LYS A 129 3.06 -27.78 -13.25
CA LYS A 129 3.14 -27.41 -14.65
C LYS A 129 4.26 -26.40 -14.89
N VAL A 130 4.58 -25.58 -13.90
CA VAL A 130 5.62 -24.57 -13.99
C VAL A 130 6.69 -24.92 -12.97
N THR A 131 7.92 -25.14 -13.44
CA THR A 131 9.02 -25.44 -12.54
C THR A 131 9.37 -24.22 -11.70
N ILE A 132 9.93 -24.48 -10.51
CA ILE A 132 10.21 -23.39 -9.59
C ILE A 132 11.33 -22.49 -10.10
N GLU A 133 12.20 -22.99 -10.97
CA GLU A 133 13.27 -22.16 -11.52
C GLU A 133 12.70 -20.98 -12.29
N GLN A 134 11.64 -21.21 -13.08
CA GLN A 134 10.98 -20.12 -13.79
C GLN A 134 10.45 -19.06 -12.83
N PHE A 135 10.23 -19.41 -11.57
CA PHE A 135 9.78 -18.43 -10.59
C PHE A 135 10.94 -17.63 -10.01
N TYR A 136 12.14 -18.22 -9.97
CA TYR A 136 13.30 -17.48 -9.47
C TYR A 136 13.73 -16.42 -10.46
N ARG A 137 13.81 -16.79 -11.75
CA ARG A 137 14.27 -15.86 -12.77
C ARG A 137 13.43 -14.60 -12.78
N GLU A 138 12.10 -14.75 -12.69
CA GLU A 138 11.24 -13.58 -12.63
C GLU A 138 11.62 -12.67 -11.47
N VAL A 139 11.82 -13.26 -10.28
CA VAL A 139 12.31 -12.47 -9.16
C VAL A 139 13.70 -11.93 -9.47
N GLY A 140 14.54 -12.77 -10.09
CA GLY A 140 15.85 -12.30 -10.52
C GLY A 140 15.77 -11.14 -11.49
N VAL A 141 14.62 -10.95 -12.14
CA VAL A 141 14.42 -9.77 -12.95
C VAL A 141 14.05 -8.58 -12.07
N PHE A 142 13.09 -8.77 -11.16
CA PHE A 142 12.57 -7.66 -10.38
C PHE A 142 13.67 -7.02 -9.55
N LEU A 143 14.46 -7.84 -8.85
CA LEU A 143 15.58 -7.30 -8.08
C LEU A 143 16.49 -6.47 -8.95
N GLY A 144 16.71 -6.89 -10.20
CA GLY A 144 17.55 -6.12 -11.10
C GLY A 144 17.03 -4.70 -11.27
N ILE A 145 15.72 -4.54 -11.38
CA ILE A 145 15.14 -3.20 -11.38
C ILE A 145 15.25 -2.59 -9.99
N ALA A 146 14.89 -3.36 -8.96
CA ALA A 146 14.74 -2.79 -7.62
C ALA A 146 16.05 -2.20 -7.11
N LEU A 147 17.17 -2.90 -7.34
CA LEU A 147 18.47 -2.39 -6.92
C LEU A 147 18.70 -0.98 -7.43
N ILE A 148 18.33 -0.72 -8.69
CA ILE A 148 18.50 0.63 -9.23
C ILE A 148 17.65 1.62 -8.45
N ALA A 149 16.38 1.26 -8.21
CA ALA A 149 15.54 2.12 -7.39
C ALA A 149 16.08 2.24 -5.97
N VAL A 150 16.84 1.23 -5.53
CA VAL A 150 17.48 1.32 -4.23
C VAL A 150 18.63 2.32 -4.27
N VAL A 151 19.40 2.33 -5.36
CA VAL A 151 20.60 3.16 -5.40
C VAL A 151 20.24 4.61 -5.67
N ILE A 152 19.61 4.88 -6.82
CA ILE A 152 19.38 6.26 -7.26
C ILE A 152 18.63 7.04 -6.19
N SER A 153 17.57 6.44 -5.64
CA SER A 153 16.78 7.13 -4.63
C SER A 153 17.64 7.53 -3.44
N VAL A 154 18.50 6.63 -2.97
CA VAL A 154 19.39 6.96 -1.86
C VAL A 154 20.28 8.12 -2.24
N LEU A 155 20.79 8.14 -3.48
CA LEU A 155 21.56 9.30 -3.92
C LEU A 155 20.67 10.53 -4.00
N ASN A 156 19.44 10.36 -4.49
CA ASN A 156 18.55 11.51 -4.64
C ASN A 156 18.30 12.19 -3.30
N ASN A 157 17.87 11.42 -2.30
CA ASN A 157 17.66 11.98 -0.97
C ASN A 157 18.92 12.61 -0.42
N PHE A 158 20.09 12.19 -0.89
CA PHE A 158 21.32 12.89 -0.54
C PHE A 158 21.35 14.26 -1.21
N PHE A 159 21.33 14.27 -2.55
CA PHE A 159 21.57 15.51 -3.28
C PHE A 159 20.55 16.58 -2.90
N VAL A 160 19.27 16.22 -2.97
CA VAL A 160 18.18 17.10 -2.56
C VAL A 160 18.53 17.77 -1.24
N SER A 161 18.88 16.95 -0.23
CA SER A 161 19.18 17.50 1.09
C SER A 161 20.26 18.56 0.99
N HIS A 162 21.39 18.23 0.37
CA HIS A 162 22.46 19.21 0.22
C HIS A 162 21.96 20.42 -0.54
N TYR A 163 21.23 20.18 -1.63
CA TYR A 163 20.65 21.27 -2.40
C TYR A 163 19.84 22.18 -1.49
N VAL A 164 18.96 21.59 -0.67
CA VAL A 164 18.14 22.39 0.23
C VAL A 164 19.03 23.24 1.13
N PHE A 165 20.07 22.63 1.70
CA PHE A 165 20.93 23.37 2.61
C PHE A 165 21.62 24.51 1.88
N ARG A 166 22.00 24.28 0.62
CA ARG A 166 22.61 25.38 -0.14
C ARG A 166 21.65 26.55 -0.23
N TRP A 167 20.35 26.26 -0.47
CA TRP A 167 19.37 27.33 -0.46
C TRP A 167 19.44 28.09 0.85
N ARG A 168 19.45 27.36 1.98
CA ARG A 168 19.54 28.05 3.26
C ARG A 168 20.81 28.89 3.33
N THR A 169 21.93 28.35 2.86
CA THR A 169 23.15 29.13 2.88
C THR A 169 22.98 30.41 2.07
N ALA A 170 22.36 30.29 0.89
CA ALA A 170 22.31 31.41 -0.05
C ALA A 170 21.70 32.64 0.61
N MET A 171 20.43 32.55 1.00
CA MET A 171 19.81 33.69 1.66
C MET A 171 20.42 33.96 3.02
N ASN A 172 21.00 32.95 3.68
CA ASN A 172 21.69 33.25 4.93
C ASN A 172 22.98 33.99 4.69
N GLU A 173 23.56 33.85 3.50
CA GLU A 173 24.68 34.72 3.12
C GLU A 173 24.22 36.12 2.78
N TYR A 174 22.91 36.34 2.65
CA TYR A 174 22.35 37.65 2.32
C TYR A 174 21.74 38.34 3.53
N TYR A 175 20.88 37.65 4.27
CA TYR A 175 20.27 38.24 5.47
C TYR A 175 21.34 38.73 6.43
N MET A 176 22.29 37.85 6.77
CA MET A 176 23.36 38.25 7.67
C MET A 176 24.33 39.22 7.03
N ALA A 177 24.27 39.41 5.72
CA ALA A 177 25.04 40.47 5.08
C ALA A 177 24.39 41.83 5.26
N ASN A 178 23.11 41.86 5.59
CA ASN A 178 22.38 43.10 5.86
C ASN A 178 21.87 43.14 7.30
N TRP A 179 22.61 42.50 8.22
CA TRP A 179 22.16 42.40 9.59
C TRP A 179 22.07 43.76 10.27
N GLN A 180 22.99 44.68 9.94
CA GLN A 180 23.00 45.98 10.59
C GLN A 180 21.72 46.76 10.31
N GLN A 181 21.25 46.74 9.06
CA GLN A 181 20.05 47.45 8.67
C GLN A 181 18.79 46.60 8.80
N LEU A 182 18.91 45.37 9.28
CA LEU A 182 17.79 44.47 9.43
C LEU A 182 17.66 43.90 10.83
N ARG A 183 18.49 44.35 11.77
CA ARG A 183 18.42 43.88 13.14
C ARG A 183 17.19 44.40 13.87
N HIS A 184 16.76 45.63 13.55
CA HIS A 184 15.68 46.28 14.28
C HIS A 184 14.34 45.55 14.15
N ILE A 185 14.16 44.75 13.09
CA ILE A 185 12.88 44.09 12.88
C ILE A 185 12.62 43.10 14.00
N GLU A 186 11.34 42.98 14.38
CA GLU A 186 10.97 42.07 15.45
C GLU A 186 11.07 40.63 14.99
N GLY A 187 11.67 39.79 15.83
CA GLY A 187 11.78 38.37 15.51
C GLY A 187 12.73 38.04 14.39
N ALA A 188 13.76 38.88 14.17
CA ALA A 188 14.71 38.60 13.10
C ALA A 188 15.49 37.33 13.32
N ALA A 189 15.72 36.96 14.59
CA ALA A 189 16.47 35.74 14.88
C ALA A 189 15.75 34.51 14.32
N GLN A 190 14.43 34.43 14.54
CA GLN A 190 13.67 33.30 14.02
C GLN A 190 13.62 33.32 12.50
N ARG A 191 13.42 34.49 11.90
CA ARG A 191 13.34 34.57 10.45
C ARG A 191 14.66 34.27 9.75
N VAL A 192 15.78 34.46 10.45
CA VAL A 192 17.08 34.14 9.85
C VAL A 192 17.47 32.70 10.12
N GLN A 193 17.16 32.17 11.30
CA GLN A 193 17.57 30.82 11.64
C GLN A 193 16.49 29.78 11.35
N GLU A 194 15.27 30.02 11.82
CA GLU A 194 14.24 29.00 11.82
C GLU A 194 13.50 28.91 10.49
N ASP A 195 12.94 30.03 10.02
CA ASP A 195 12.11 30.01 8.83
C ASP A 195 12.90 29.70 7.57
N THR A 196 14.24 29.79 7.61
CA THR A 196 15.03 29.55 6.40
C THR A 196 14.95 28.09 5.97
N MET A 197 15.28 27.16 6.87
CA MET A 197 15.11 25.75 6.55
C MET A 197 13.67 25.43 6.21
N ARG A 198 12.72 25.96 6.97
CA ARG A 198 11.32 25.59 6.75
C ARG A 198 10.88 26.00 5.36
N PHE A 199 11.16 27.24 4.97
CA PHE A 199 10.79 27.72 3.65
C PHE A 199 11.46 26.90 2.56
N ALA A 200 12.79 26.73 2.66
CA ALA A 200 13.50 26.02 1.61
C ALA A 200 13.00 24.58 1.47
N SER A 201 12.94 23.85 2.59
CA SER A 201 12.55 22.45 2.54
C SER A 201 11.12 22.29 2.06
N THR A 202 10.19 23.11 2.59
CA THR A 202 8.79 22.98 2.19
C THR A 202 8.60 23.29 0.71
N LEU A 203 9.21 24.38 0.22
CA LEU A 203 9.04 24.72 -1.18
C LEU A 203 9.65 23.65 -2.08
N GLU A 204 10.84 23.15 -1.73
CA GLU A 204 11.46 22.13 -2.56
C GLU A 204 10.64 20.85 -2.57
N ASN A 205 10.14 20.43 -1.41
CA ASN A 205 9.32 19.22 -1.34
C ASN A 205 8.03 19.37 -2.13
N MET A 206 7.39 20.54 -2.04
CA MET A 206 6.15 20.74 -2.78
C MET A 206 6.40 20.77 -4.28
N GLY A 207 7.47 21.43 -4.73
CA GLY A 207 7.80 21.40 -6.14
C GLY A 207 8.09 20.00 -6.64
N VAL A 208 8.84 19.22 -5.86
CA VAL A 208 9.14 17.85 -6.24
C VAL A 208 7.87 17.02 -6.31
N SER A 209 6.97 17.18 -5.33
CA SER A 209 5.73 16.41 -5.34
C SER A 209 4.85 16.77 -6.52
N PHE A 210 4.75 18.06 -6.84
CA PHE A 210 3.94 18.48 -7.98
C PHE A 210 4.51 17.93 -9.28
N ILE A 211 5.82 18.07 -9.47
CA ILE A 211 6.46 17.56 -10.68
C ILE A 211 6.31 16.05 -10.76
N ASN A 212 6.44 15.35 -9.62
CA ASN A 212 6.30 13.90 -9.60
C ASN A 212 4.89 13.47 -9.98
N ALA A 213 3.88 14.19 -9.48
CA ALA A 213 2.51 13.86 -9.84
C ALA A 213 2.27 14.06 -11.33
N ILE A 214 2.76 15.18 -11.87
CA ILE A 214 2.58 15.43 -13.31
C ILE A 214 3.27 14.35 -14.12
N MET A 215 4.49 13.97 -13.74
CA MET A 215 5.22 12.94 -14.47
C MET A 215 4.54 11.58 -14.35
N THR A 216 4.00 11.24 -13.17
CA THR A 216 3.31 9.98 -13.02
C THR A 216 2.09 9.91 -13.93
N LEU A 217 1.32 11.00 -13.99
CA LEU A 217 0.16 11.03 -14.88
C LEU A 217 0.59 10.89 -16.34
N ILE A 218 1.61 11.65 -16.74
CA ILE A 218 2.05 11.62 -18.14
C ILE A 218 2.57 10.24 -18.51
N ALA A 219 3.24 9.56 -17.57
CA ALA A 219 3.82 8.26 -17.86
C ALA A 219 2.77 7.15 -17.86
N PHE A 220 1.76 7.25 -16.99
CA PHE A 220 0.81 6.16 -16.83
C PHE A 220 -0.50 6.37 -17.58
N LEU A 221 -0.65 7.47 -18.32
CA LEU A 221 -1.80 7.55 -19.22
C LEU A 221 -1.62 6.66 -20.45
N PRO A 222 -0.50 6.70 -21.18
CA PRO A 222 -0.34 5.75 -22.30
C PRO A 222 -0.37 4.29 -21.88
N VAL A 223 0.17 3.96 -20.71
CA VAL A 223 0.14 2.58 -20.24
C VAL A 223 -1.28 2.12 -19.98
N LEU A 224 -2.12 3.02 -19.47
CA LEU A 224 -3.52 2.66 -19.23
C LEU A 224 -4.33 2.68 -20.52
N VAL A 225 -3.92 3.48 -21.51
CA VAL A 225 -4.61 3.49 -22.79
C VAL A 225 -4.33 2.20 -23.55
N THR A 226 -3.07 1.74 -23.54
CA THR A 226 -2.75 0.50 -24.25
C THR A 226 -3.31 -0.73 -23.54
N LEU A 227 -3.64 -0.62 -22.25
CA LEU A 227 -4.29 -1.70 -21.52
C LEU A 227 -5.80 -1.70 -21.67
N SER A 228 -6.37 -0.67 -22.28
CA SER A 228 -7.81 -0.58 -22.44
C SER A 228 -8.33 -1.33 -23.65
N ALA A 229 -7.44 -1.94 -24.44
CA ALA A 229 -7.89 -2.77 -25.55
C ALA A 229 -8.39 -4.13 -25.08
N HIS A 230 -8.07 -4.52 -23.85
CA HIS A 230 -8.51 -5.79 -23.29
C HIS A 230 -9.70 -5.64 -22.35
N VAL A 231 -10.26 -4.44 -22.22
CA VAL A 231 -11.40 -4.20 -21.35
C VAL A 231 -12.51 -3.58 -22.21
N PRO A 232 -13.25 -4.39 -22.96
CA PRO A 232 -14.19 -3.84 -23.94
C PRO A 232 -15.54 -3.43 -23.39
N GLU A 233 -15.79 -3.59 -22.09
CA GLU A 233 -17.13 -3.33 -21.56
C GLU A 233 -17.05 -3.04 -20.07
N LEU A 234 -17.51 -1.85 -19.67
CA LEU A 234 -17.56 -1.46 -18.28
C LEU A 234 -18.81 -2.03 -17.60
N PRO A 235 -18.79 -2.15 -16.25
CA PRO A 235 -19.81 -2.97 -15.58
C PRO A 235 -21.25 -2.60 -15.86
N ILE A 236 -21.65 -1.37 -15.54
CA ILE A 236 -23.06 -0.97 -15.58
C ILE A 236 -23.37 -0.14 -16.81
N ILE A 237 -22.52 0.84 -17.12
CA ILE A 237 -22.78 1.74 -18.24
C ILE A 237 -22.59 1.07 -19.60
N GLY A 238 -22.06 -0.15 -19.63
CA GLY A 238 -21.89 -0.86 -20.88
C GLY A 238 -20.60 -0.51 -21.60
N HIS A 239 -20.64 -0.49 -22.93
CA HIS A 239 -19.45 -0.16 -23.71
C HIS A 239 -19.27 1.34 -23.81
N ILE A 240 -18.08 1.82 -23.48
CA ILE A 240 -17.72 3.22 -23.64
C ILE A 240 -16.34 3.28 -24.28
N PRO A 241 -16.14 4.04 -25.35
CA PRO A 241 -14.83 4.10 -25.99
C PRO A 241 -13.77 4.62 -25.03
N TYR A 242 -12.66 3.90 -24.94
CA TYR A 242 -11.61 4.16 -23.96
C TYR A 242 -12.20 4.24 -22.56
N GLY A 243 -13.07 3.28 -22.25
CA GLY A 243 -13.82 3.33 -21.01
C GLY A 243 -12.95 3.21 -19.78
N LEU A 244 -11.89 2.39 -19.85
CA LEU A 244 -11.06 2.18 -18.68
C LEU A 244 -10.33 3.45 -18.26
N VAL A 245 -9.65 4.10 -19.21
CA VAL A 245 -8.89 5.31 -18.88
C VAL A 245 -9.83 6.45 -18.50
N ILE A 246 -10.95 6.58 -19.21
CA ILE A 246 -11.92 7.62 -18.89
C ILE A 246 -12.46 7.43 -17.49
N ALA A 247 -12.85 6.19 -17.15
CA ALA A 247 -13.39 5.92 -15.83
C ALA A 247 -12.37 6.15 -14.74
N ALA A 248 -11.11 5.75 -14.97
CA ALA A 248 -10.07 5.97 -13.98
C ALA A 248 -9.85 7.46 -13.75
N ILE A 249 -9.76 8.24 -14.83
CA ILE A 249 -9.54 9.68 -14.71
C ILE A 249 -10.71 10.33 -13.98
N VAL A 250 -11.93 9.97 -14.37
CA VAL A 250 -13.12 10.58 -13.75
C VAL A 250 -13.18 10.22 -12.27
N TRP A 251 -12.92 8.96 -11.92
CA TRP A 251 -12.95 8.57 -10.51
C TRP A 251 -11.89 9.32 -9.71
N SER A 252 -10.67 9.41 -10.24
CA SER A 252 -9.60 10.07 -9.51
C SER A 252 -9.91 11.56 -9.32
N LEU A 253 -10.32 12.24 -10.38
CA LEU A 253 -10.58 13.67 -10.25
C LEU A 253 -11.85 13.93 -9.44
N MET A 254 -12.82 13.01 -9.47
CA MET A 254 -14.01 13.16 -8.65
C MET A 254 -13.67 13.01 -7.17
N GLY A 255 -12.82 12.04 -6.83
CA GLY A 255 -12.36 11.94 -5.46
C GLY A 255 -11.58 13.16 -5.00
N THR A 256 -10.66 13.64 -5.86
CA THR A 256 -9.89 14.83 -5.52
C THR A 256 -10.79 16.05 -5.36
N GLY A 257 -11.77 16.22 -6.25
CA GLY A 257 -12.68 17.33 -6.14
C GLY A 257 -13.57 17.25 -4.91
N LEU A 258 -14.04 16.04 -4.58
CA LEU A 258 -14.83 15.87 -3.37
C LEU A 258 -14.02 16.25 -2.14
N LEU A 259 -12.77 15.79 -2.07
CA LEU A 259 -11.92 16.13 -0.93
C LEU A 259 -11.62 17.62 -0.88
N ALA A 260 -11.36 18.24 -2.02
CA ALA A 260 -11.01 19.65 -2.06
C ALA A 260 -12.22 20.58 -2.01
N VAL A 261 -13.43 20.04 -2.06
CA VAL A 261 -14.64 20.83 -1.82
C VAL A 261 -15.13 20.70 -0.39
N VAL A 262 -15.08 19.49 0.18
CA VAL A 262 -15.42 19.36 1.59
C VAL A 262 -14.36 19.99 2.48
N GLY A 263 -13.17 20.22 1.95
CA GLY A 263 -12.09 20.79 2.73
C GLY A 263 -11.64 22.17 2.28
N ILE A 264 -12.61 23.03 1.93
CA ILE A 264 -12.27 24.42 1.61
C ILE A 264 -12.16 25.25 2.88
N LYS A 265 -12.98 24.95 3.89
CA LYS A 265 -12.96 25.70 5.14
C LYS A 265 -11.91 25.19 6.11
N LEU A 266 -11.30 24.04 5.84
CA LEU A 266 -10.26 23.52 6.73
C LEU A 266 -9.04 24.44 6.82
N PRO A 267 -8.47 24.95 5.72
CA PRO A 267 -7.35 25.90 5.87
C PRO A 267 -7.73 27.16 6.63
N GLY A 268 -8.95 27.66 6.41
CA GLY A 268 -9.38 28.84 7.15
C GLY A 268 -9.50 28.59 8.64
N LEU A 269 -10.09 27.45 9.01
CA LEU A 269 -10.19 27.11 10.43
C LEU A 269 -8.82 26.89 11.04
N GLU A 270 -7.90 26.27 10.28
CA GLU A 270 -6.53 26.10 10.77
C GLU A 270 -5.88 27.45 11.01
N PHE A 271 -6.03 28.38 10.07
CA PHE A 271 -5.45 29.71 10.22
C PHE A 271 -6.03 30.43 11.44
N LYS A 272 -7.34 30.30 11.65
CA LYS A 272 -7.93 30.86 12.86
C LYS A 272 -7.33 30.23 14.11
N ASN A 273 -7.04 28.93 14.07
CA ASN A 273 -6.41 28.27 15.21
C ASN A 273 -5.03 28.86 15.49
N GLN A 274 -4.22 29.04 14.44
CA GLN A 274 -2.91 29.65 14.68
C GLN A 274 -3.05 31.08 15.19
N ARG A 275 -4.05 31.82 14.70
CA ARG A 275 -4.23 33.19 15.16
C ARG A 275 -4.55 33.24 16.65
N VAL A 276 -5.49 32.40 17.10
CA VAL A 276 -5.87 32.44 18.51
C VAL A 276 -4.74 31.90 19.39
N GLU A 277 -4.01 30.89 18.92
CA GLU A 277 -2.86 30.40 19.68
C GLU A 277 -1.80 31.48 19.80
N ALA A 278 -1.55 32.21 18.72
CA ALA A 278 -0.59 33.31 18.76
C ALA A 278 -1.03 34.40 19.73
N ALA A 279 -2.32 34.72 19.74
CA ALA A 279 -2.82 35.70 20.69
C ALA A 279 -2.61 35.23 22.13
N TYR A 280 -2.88 33.94 22.39
CA TYR A 280 -2.65 33.38 23.71
C TYR A 280 -1.19 33.50 24.13
N ARG A 281 -0.28 33.12 23.21
CA ARG A 281 1.15 33.20 23.53
C ARG A 281 1.59 34.64 23.72
N LYS A 282 1.04 35.57 22.94
CA LYS A 282 1.39 36.98 23.09
C LYS A 282 0.95 37.52 24.44
N GLU A 283 -0.25 37.16 24.89
CA GLU A 283 -0.69 37.59 26.21
C GLU A 283 0.18 36.97 27.30
N LEU A 284 0.56 35.70 27.13
CA LEU A 284 1.46 35.09 28.12
C LEU A 284 2.82 35.78 28.14
N VAL A 285 3.33 36.16 26.97
CA VAL A 285 4.60 36.88 26.90
C VAL A 285 4.51 38.22 27.59
N TYR A 286 3.41 38.95 27.36
CA TYR A 286 3.20 40.22 28.04
C TYR A 286 3.10 40.02 29.55
N GLY A 287 2.51 38.91 29.97
CA GLY A 287 2.43 38.61 31.39
C GLY A 287 3.69 38.03 31.99
N GLU A 288 4.69 37.72 31.17
CA GLU A 288 5.94 37.16 31.66
C GLU A 288 6.65 38.11 32.62
N ASP A 289 7.08 39.27 32.13
CA ASP A 289 7.74 40.28 32.97
C ASP A 289 6.73 41.36 33.36
N ASP A 290 5.67 40.95 34.02
CA ASP A 290 4.62 41.87 34.44
C ASP A 290 3.84 41.24 35.58
N ALA A 291 2.92 42.02 36.16
CA ALA A 291 2.09 41.54 37.24
C ALA A 291 0.61 41.79 36.96
N THR A 292 0.32 42.85 36.21
CA THR A 292 -1.06 43.20 35.88
C THR A 292 -1.60 42.40 34.70
N ARG A 293 -0.73 41.74 33.94
CA ARG A 293 -1.17 40.95 32.80
C ARG A 293 -1.42 39.50 33.22
N ALA A 294 -1.95 38.73 32.27
CA ALA A 294 -2.36 37.34 32.52
C ALA A 294 -3.38 37.26 33.66
N THR A 295 -4.23 38.27 33.78
CA THR A 295 -5.29 38.25 34.77
C THR A 295 -6.23 37.08 34.47
N PRO A 296 -6.69 36.35 35.49
CA PRO A 296 -7.46 35.13 35.25
C PRO A 296 -8.66 35.35 34.35
N PRO A 297 -9.38 36.48 34.45
CA PRO A 297 -10.40 36.75 33.41
C PRO A 297 -9.83 36.76 32.00
N THR A 298 -8.68 37.39 31.79
CA THR A 298 -8.13 37.49 30.43
C THR A 298 -7.71 36.14 29.91
N VAL A 299 -7.00 35.35 30.72
CA VAL A 299 -6.56 34.04 30.28
C VAL A 299 -7.76 33.11 30.09
N ARG A 300 -8.79 33.24 30.93
CA ARG A 300 -9.99 32.43 30.76
C ARG A 300 -10.68 32.73 29.43
N GLU A 301 -10.80 34.02 29.09
CA GLU A 301 -11.43 34.40 27.82
C GLU A 301 -10.60 33.90 26.64
N LEU A 302 -9.28 34.06 26.73
CA LEU A 302 -8.41 33.62 25.64
C LEU A 302 -8.49 32.12 25.44
N PHE A 303 -8.50 31.36 26.53
CA PHE A 303 -8.59 29.91 26.38
C PHE A 303 -9.98 29.47 25.95
N SER A 304 -11.03 30.22 26.30
CA SER A 304 -12.34 29.92 25.74
C SER A 304 -12.34 30.11 24.23
N ALA A 305 -11.70 31.17 23.74
CA ALA A 305 -11.56 31.36 22.31
C ALA A 305 -10.79 30.21 21.67
N VAL A 306 -9.71 29.77 22.31
CA VAL A 306 -8.93 28.64 21.80
C VAL A 306 -9.79 27.39 21.77
N ARG A 307 -10.57 27.14 22.82
CA ARG A 307 -11.47 26.00 22.86
C ARG A 307 -12.43 26.02 21.68
N LYS A 308 -13.11 27.13 21.46
CA LYS A 308 -14.09 27.21 20.38
C LYS A 308 -13.42 27.01 19.03
N ASN A 309 -12.26 27.63 18.81
CA ASN A 309 -11.64 27.57 17.50
C ASN A 309 -11.02 26.20 17.21
N TYR A 310 -10.64 25.45 18.24
CA TYR A 310 -10.25 24.05 18.01
C TYR A 310 -11.47 23.15 17.83
N PHE A 311 -12.55 23.40 18.54
CA PHE A 311 -13.72 22.54 18.42
C PHE A 311 -14.37 22.66 17.05
N ARG A 312 -14.38 23.86 16.48
CA ARG A 312 -14.91 24.03 15.14
C ARG A 312 -14.12 23.22 14.12
N LEU A 313 -12.78 23.26 14.22
CA LEU A 313 -11.95 22.47 13.32
C LEU A 313 -12.16 20.99 13.53
N TYR A 314 -12.29 20.55 14.79
CA TYR A 314 -12.51 19.14 15.07
C TYR A 314 -13.85 18.67 14.51
N PHE A 315 -14.83 19.57 14.45
CA PHE A 315 -16.13 19.22 13.86
C PHE A 315 -16.05 19.12 12.34
N HIS A 316 -15.38 20.07 11.69
CA HIS A 316 -15.33 20.06 10.23
C HIS A 316 -14.44 18.94 9.70
N TYR A 317 -13.34 18.65 10.41
CA TYR A 317 -12.50 17.54 10.01
C TYR A 317 -13.24 16.22 10.07
N MET A 318 -14.35 16.14 10.81
CA MET A 318 -15.14 14.92 10.80
C MET A 318 -15.78 14.68 9.43
N TYR A 319 -16.36 15.73 8.83
CA TYR A 319 -16.90 15.60 7.47
C TYR A 319 -15.78 15.29 6.48
N PHE A 320 -14.67 16.01 6.59
CA PHE A 320 -13.57 15.78 5.65
C PHE A 320 -13.05 14.35 5.78
N ASN A 321 -12.98 13.82 7.01
CA ASN A 321 -12.47 12.48 7.24
C ASN A 321 -13.46 11.43 6.76
N ILE A 322 -14.76 11.70 6.89
CA ILE A 322 -15.76 10.81 6.31
C ILE A 322 -15.51 10.69 4.81
N ALA A 323 -15.36 11.83 4.14
CA ALA A 323 -15.15 11.81 2.69
C ALA A 323 -13.87 11.04 2.33
N ARG A 324 -12.78 11.35 3.01
CA ARG A 324 -11.49 10.75 2.67
C ARG A 324 -11.49 9.25 2.92
N ILE A 325 -12.01 8.81 4.07
CA ILE A 325 -12.00 7.40 4.41
C ILE A 325 -12.93 6.61 3.48
N LEU A 326 -14.12 7.15 3.19
CA LEU A 326 -15.01 6.48 2.27
C LEU A 326 -14.37 6.35 0.89
N TYR A 327 -13.73 7.42 0.42
CA TYR A 327 -13.06 7.35 -0.89
C TYR A 327 -11.97 6.30 -0.91
N LEU A 328 -11.16 6.23 0.15
CA LEU A 328 -10.09 5.24 0.19
C LEU A 328 -10.65 3.82 0.23
N GLN A 329 -11.67 3.59 1.04
CA GLN A 329 -12.24 2.25 1.13
C GLN A 329 -12.85 1.81 -0.18
N VAL A 330 -13.54 2.72 -0.88
CA VAL A 330 -14.12 2.36 -2.16
C VAL A 330 -13.04 2.14 -3.20
N ASP A 331 -12.00 2.99 -3.20
CA ASP A 331 -10.90 2.84 -4.16
C ASP A 331 -10.10 1.58 -3.91
N ASN A 332 -10.19 1.00 -2.72
CA ASN A 332 -9.54 -0.29 -2.49
C ASN A 332 -10.05 -1.39 -3.42
N VAL A 333 -11.27 -1.27 -3.94
CA VAL A 333 -11.85 -2.29 -4.81
C VAL A 333 -12.43 -1.73 -6.09
N PHE A 334 -12.34 -0.42 -6.32
CA PHE A 334 -12.86 0.14 -7.57
C PHE A 334 -12.09 -0.38 -8.77
N GLY A 335 -10.78 -0.59 -8.60
CA GLY A 335 -9.98 -1.11 -9.71
C GLY A 335 -10.46 -2.46 -10.19
N LEU A 336 -10.83 -3.35 -9.26
CA LEU A 336 -11.37 -4.65 -9.63
C LEU A 336 -12.82 -4.55 -10.07
N PHE A 337 -13.58 -3.60 -9.51
CA PHE A 337 -14.96 -3.42 -9.95
C PHE A 337 -15.01 -3.05 -11.43
N LEU A 338 -14.09 -2.18 -11.87
CA LEU A 338 -14.05 -1.82 -13.28
C LEU A 338 -13.69 -2.99 -14.18
N LEU A 339 -13.03 -4.02 -13.65
CA LEU A 339 -12.58 -5.15 -14.44
C LEU A 339 -13.47 -6.39 -14.32
N PHE A 340 -14.46 -6.36 -13.43
CA PHE A 340 -15.33 -7.52 -13.24
C PHE A 340 -15.89 -8.12 -14.53
N PRO A 341 -16.48 -7.36 -15.47
CA PRO A 341 -16.96 -7.99 -16.70
C PRO A 341 -15.86 -8.61 -17.53
N SER A 342 -14.65 -8.05 -17.52
CA SER A 342 -13.54 -8.65 -18.23
C SER A 342 -13.10 -9.95 -17.58
N ILE A 343 -13.12 -9.99 -16.24
CA ILE A 343 -12.81 -11.23 -15.53
C ILE A 343 -13.84 -12.30 -15.88
N VAL A 344 -15.12 -11.94 -15.87
CA VAL A 344 -16.18 -12.91 -16.16
C VAL A 344 -16.05 -13.42 -17.59
N ALA A 345 -15.86 -12.51 -18.55
CA ALA A 345 -15.84 -12.87 -19.96
C ALA A 345 -14.48 -13.38 -20.42
N GLY A 346 -13.48 -13.40 -19.54
CA GLY A 346 -12.18 -13.94 -19.88
C GLY A 346 -11.44 -13.17 -20.95
N THR A 347 -11.46 -11.84 -20.90
CA THR A 347 -10.70 -11.04 -21.84
C THR A 347 -9.32 -10.68 -21.32
N ILE A 348 -9.16 -10.53 -20.01
CA ILE A 348 -7.87 -10.25 -19.40
C ILE A 348 -7.42 -11.46 -18.60
N THR A 349 -6.12 -11.51 -18.35
CA THR A 349 -5.52 -12.55 -17.53
C THR A 349 -5.22 -11.98 -16.14
N LEU A 350 -4.55 -12.78 -15.30
CA LEU A 350 -4.19 -12.29 -13.98
C LEU A 350 -3.14 -11.18 -14.08
N GLY A 351 -2.20 -11.30 -15.01
CA GLY A 351 -1.17 -10.29 -15.15
C GLY A 351 -1.72 -8.95 -15.59
N LEU A 352 -2.63 -8.95 -16.57
CA LEU A 352 -3.23 -7.71 -17.02
C LEU A 352 -4.06 -7.07 -15.93
N MET A 353 -4.79 -7.88 -15.17
CA MET A 353 -5.59 -7.34 -14.07
C MET A 353 -4.70 -6.70 -13.01
N THR A 354 -3.60 -7.36 -12.64
CA THR A 354 -2.70 -6.80 -11.63
C THR A 354 -2.02 -5.54 -12.15
N GLN A 355 -1.62 -5.53 -13.42
CA GLN A 355 -1.00 -4.34 -14.00
C GLN A 355 -1.98 -3.16 -14.01
N ILE A 356 -3.24 -3.42 -14.37
CA ILE A 356 -4.24 -2.36 -14.38
C ILE A 356 -4.47 -1.83 -12.97
N THR A 357 -4.54 -2.72 -11.98
CA THR A 357 -4.71 -2.27 -10.60
C THR A 357 -3.54 -1.43 -10.14
N ASN A 358 -2.31 -1.83 -10.50
CA ASN A 358 -1.13 -1.05 -10.14
C ASN A 358 -1.16 0.33 -10.79
N VAL A 359 -1.53 0.39 -12.07
CA VAL A 359 -1.63 1.67 -12.75
C VAL A 359 -2.65 2.56 -12.06
N PHE A 360 -3.80 1.98 -11.68
CA PHE A 360 -4.82 2.75 -10.98
C PHE A 360 -4.30 3.30 -9.67
N GLY A 361 -3.59 2.48 -8.90
CA GLY A 361 -3.04 2.94 -7.63
C GLY A 361 -2.05 4.08 -7.81
N GLN A 362 -1.15 3.95 -8.78
CA GLN A 362 -0.14 4.99 -8.99
C GLN A 362 -0.77 6.29 -9.49
N VAL A 363 -1.77 6.19 -10.37
CA VAL A 363 -2.46 7.40 -10.83
C VAL A 363 -3.23 8.05 -9.68
N ARG A 364 -3.81 7.23 -8.80
CA ARG A 364 -4.50 7.77 -7.63
C ARG A 364 -3.52 8.51 -6.73
N GLY A 365 -2.33 7.96 -6.53
CA GLY A 365 -1.31 8.67 -5.77
C GLY A 365 -0.91 9.98 -6.44
N ALA A 366 -0.82 9.98 -7.77
CA ALA A 366 -0.49 11.20 -8.49
C ALA A 366 -1.53 12.28 -8.27
N PHE A 367 -2.81 11.93 -8.36
CA PHE A 367 -3.85 12.91 -8.04
C PHE A 367 -3.88 13.27 -6.56
N GLN A 368 -3.46 12.36 -5.68
CA GLN A 368 -3.51 12.59 -4.25
C GLN A 368 -2.40 13.49 -3.75
N TYR A 369 -1.31 13.63 -4.50
CA TYR A 369 -0.23 14.52 -4.10
C TYR A 369 -0.74 15.96 -3.92
N LEU A 370 -1.63 16.41 -4.81
CA LEU A 370 -2.13 17.77 -4.74
C LEU A 370 -2.90 18.01 -3.44
N ILE A 371 -3.73 17.05 -3.03
CA ILE A 371 -4.46 17.19 -1.79
C ILE A 371 -3.52 17.08 -0.60
N ASN A 372 -2.56 16.16 -0.65
CA ASN A 372 -1.64 15.98 0.46
C ASN A 372 -0.73 17.19 0.67
N SER A 373 -0.48 17.98 -0.38
CA SER A 373 0.29 19.20 -0.20
C SER A 373 -0.43 20.24 0.65
N TRP A 374 -1.77 20.17 0.71
CA TRP A 374 -2.53 21.12 1.52
C TRP A 374 -2.30 20.93 3.01
N THR A 375 -1.66 19.84 3.43
CA THR A 375 -1.35 19.66 4.84
C THR A 375 -0.40 20.75 5.34
N THR A 376 0.61 21.11 4.53
CA THR A 376 1.57 22.13 4.90
C THR A 376 1.56 23.32 3.94
N LEU A 377 0.59 23.40 3.03
CA LEU A 377 0.47 24.59 2.19
C LEU A 377 0.23 25.84 3.03
N VAL A 378 -0.59 25.72 4.07
CA VAL A 378 -0.83 26.86 4.97
C VAL A 378 0.46 27.29 5.63
N GLU A 379 1.25 26.33 6.11
CA GLU A 379 2.51 26.66 6.76
C GLU A 379 3.48 27.32 5.80
N LEU A 380 3.58 26.80 4.57
CA LEU A 380 4.48 27.40 3.60
C LEU A 380 4.06 28.81 3.23
N MET A 381 2.76 29.04 3.06
CA MET A 381 2.28 30.38 2.75
C MET A 381 2.56 31.34 3.90
N SER A 382 2.36 30.89 5.14
CA SER A 382 2.65 31.73 6.29
C SER A 382 4.14 32.07 6.35
N ILE A 383 5.00 31.07 6.10
CA ILE A 383 6.44 31.30 6.15
C ILE A 383 6.87 32.29 5.06
N TYR A 384 6.32 32.15 3.85
CA TYR A 384 6.67 33.09 2.79
C TYR A 384 6.16 34.48 3.11
N LYS A 385 4.97 34.60 3.70
CA LYS A 385 4.47 35.91 4.11
C LYS A 385 5.38 36.54 5.15
N ARG A 386 5.82 35.75 6.13
CA ARG A 386 6.73 36.26 7.14
C ARG A 386 8.04 36.73 6.53
N LEU A 387 8.61 35.95 5.62
CA LEU A 387 9.87 36.32 4.98
C LEU A 387 9.71 37.56 4.12
N ARG A 388 8.59 37.67 3.40
CA ARG A 388 8.36 38.84 2.56
C ARG A 388 8.21 40.10 3.39
N SER A 389 7.46 40.03 4.49
CA SER A 389 7.33 41.18 5.39
C SER A 389 8.68 41.52 6.02
N PHE A 390 9.46 40.50 6.36
CA PHE A 390 10.77 40.71 6.97
C PHE A 390 11.72 41.44 6.02
N GLU A 391 11.78 41.00 4.76
CA GLU A 391 12.68 41.62 3.80
C GLU A 391 12.15 42.97 3.30
N HIS A 392 10.82 43.15 3.29
CA HIS A 392 10.24 44.36 2.73
C HIS A 392 10.64 45.61 3.52
N GLU A 393 10.70 45.50 4.85
CA GLU A 393 11.02 46.65 5.67
C GLU A 393 12.44 47.15 5.46
N LEU A 394 13.30 46.34 4.86
CA LEU A 394 14.67 46.75 4.57
C LEU A 394 14.70 47.89 3.56
N PHE B 3 0.79 14.29 33.78
CA PHE B 3 0.22 12.99 34.14
C PHE B 3 -0.68 13.10 35.35
N LYS B 4 -0.17 13.72 36.41
CA LYS B 4 -0.96 13.86 37.63
C LYS B 4 -2.14 14.80 37.44
N SER B 5 -2.03 15.75 36.50
CA SER B 5 -3.10 16.71 36.28
C SER B 5 -4.27 16.10 35.52
N PHE B 6 -4.01 15.19 34.58
CA PHE B 6 -5.08 14.55 33.81
C PHE B 6 -5.50 13.22 34.44
N PHE B 7 -4.57 12.27 34.53
CA PHE B 7 -4.85 10.96 35.07
C PHE B 7 -4.85 11.00 36.60
N PRO B 8 -5.37 9.96 37.25
CA PRO B 8 -5.09 9.76 38.67
C PRO B 8 -3.61 9.42 38.85
N LYS B 9 -3.19 9.07 40.08
CA LYS B 9 -1.78 8.81 40.37
C LYS B 9 -1.18 7.90 39.31
N PRO B 10 -0.32 8.43 38.43
CA PRO B 10 -0.01 7.74 37.17
C PRO B 10 0.89 6.52 37.33
N GLY B 11 1.89 6.62 38.23
CA GLY B 11 2.76 5.48 38.46
C GLY B 11 2.00 4.25 38.91
N THR B 12 1.01 4.45 39.79
CA THR B 12 0.11 3.36 40.15
C THR B 12 -0.91 3.09 39.05
N PHE B 13 -1.37 4.16 38.37
CA PHE B 13 -2.47 4.00 37.42
C PHE B 13 -2.10 3.09 36.26
N PHE B 14 -0.97 3.37 35.60
CA PHE B 14 -0.62 2.59 34.42
C PHE B 14 -0.27 1.15 34.79
N LEU B 15 0.43 0.94 35.91
CA LEU B 15 0.75 -0.40 36.34
C LEU B 15 -0.51 -1.19 36.69
N SER B 16 -1.47 -0.56 37.37
CA SER B 16 -2.71 -1.24 37.69
C SER B 16 -3.51 -1.54 36.43
N ALA B 17 -3.48 -0.62 35.45
CA ALA B 17 -4.15 -0.88 34.18
C ALA B 17 -3.54 -2.08 33.48
N PHE B 18 -2.22 -2.18 33.47
CA PHE B 18 -1.57 -3.33 32.83
C PHE B 18 -1.89 -4.62 33.58
N VAL B 19 -1.89 -4.57 34.91
CA VAL B 19 -2.22 -5.77 35.71
C VAL B 19 -3.64 -6.21 35.41
N TRP B 20 -4.59 -5.27 35.37
CA TRP B 20 -5.98 -5.63 35.10
C TRP B 20 -6.14 -6.15 33.68
N ALA B 21 -5.42 -5.57 32.72
CA ALA B 21 -5.49 -6.07 31.35
C ALA B 21 -4.97 -7.49 31.26
N LEU B 22 -3.85 -7.78 31.94
CA LEU B 22 -3.32 -9.13 31.93
C LEU B 22 -4.27 -10.11 32.60
N ILE B 23 -4.87 -9.71 33.73
CA ILE B 23 -5.82 -10.59 34.41
C ILE B 23 -7.03 -10.88 33.53
N ALA B 24 -7.57 -9.84 32.87
CA ALA B 24 -8.73 -10.03 32.01
C ALA B 24 -8.39 -10.92 30.81
N VAL B 25 -7.21 -10.72 30.22
CA VAL B 25 -6.81 -11.57 29.09
C VAL B 25 -6.64 -13.01 29.53
N ILE B 26 -6.02 -13.23 30.69
CA ILE B 26 -5.82 -14.58 31.20
C ILE B 26 -7.15 -15.23 31.55
N PHE B 27 -8.14 -14.44 31.99
CA PHE B 27 -9.44 -15.03 32.23
C PHE B 27 -10.21 -15.29 30.94
N TRP B 28 -9.95 -14.54 29.88
CA TRP B 28 -10.70 -14.69 28.64
C TRP B 28 -10.01 -15.64 27.66
N GLN B 29 -8.80 -15.30 27.23
CA GLN B 29 -8.11 -16.12 26.23
C GLN B 29 -7.43 -17.31 26.90
N ALA B 30 -8.17 -18.04 27.72
CA ALA B 30 -7.65 -19.17 28.46
C ALA B 30 -8.80 -20.01 29.01
N GLY B 31 -8.51 -20.84 30.01
CA GLY B 31 -9.45 -21.81 30.53
C GLY B 31 -10.53 -21.19 31.41
N GLY B 32 -11.56 -20.64 30.77
CA GLY B 32 -12.65 -20.00 31.48
C GLY B 32 -13.28 -18.86 30.69
N GLY B 33 -12.68 -18.50 29.57
CA GLY B 33 -13.27 -17.52 28.68
C GLY B 33 -14.32 -18.06 27.74
N ASP B 34 -14.56 -19.38 27.76
CA ASP B 34 -15.58 -20.00 26.93
C ASP B 34 -16.83 -20.39 27.71
N TRP B 35 -16.81 -20.22 29.04
CA TRP B 35 -17.98 -20.59 29.84
C TRP B 35 -19.19 -19.71 29.50
N VAL B 36 -18.96 -18.43 29.22
CA VAL B 36 -20.04 -17.54 28.85
C VAL B 36 -20.67 -17.99 27.54
N ALA B 37 -19.84 -18.35 26.56
CA ALA B 37 -20.36 -18.89 25.31
C ALA B 37 -21.06 -20.24 25.54
N ARG B 38 -20.55 -21.04 26.47
CA ARG B 38 -21.18 -22.32 26.76
C ARG B 38 -22.59 -22.13 27.31
N ILE B 39 -22.76 -21.16 28.22
CA ILE B 39 -24.08 -20.93 28.82
C ILE B 39 -24.97 -20.04 27.96
N THR B 40 -24.42 -19.38 26.95
CA THR B 40 -25.20 -18.48 26.10
C THR B 40 -25.57 -19.10 24.76
N GLY B 41 -24.71 -19.93 24.20
CA GLY B 41 -24.96 -20.53 22.90
C GLY B 41 -24.42 -19.70 21.77
N ALA B 42 -23.15 -19.29 21.89
CA ALA B 42 -22.52 -18.42 20.91
C ALA B 42 -21.97 -19.17 19.71
N SER B 43 -22.07 -20.51 19.71
CA SER B 43 -21.56 -21.34 18.61
C SER B 43 -20.08 -21.11 18.40
N GLY B 44 -19.72 -20.28 17.42
CA GLY B 44 -18.32 -20.00 17.14
C GLY B 44 -18.04 -19.87 15.65
N GLN B 45 -19.02 -20.20 14.83
CA GLN B 45 -18.89 -20.10 13.37
C GLN B 45 -19.30 -18.69 12.94
N ILE B 46 -18.41 -17.75 13.20
CA ILE B 46 -18.63 -16.35 12.86
C ILE B 46 -18.64 -16.18 11.35
N PRO B 47 -19.44 -15.26 10.81
CA PRO B 47 -19.49 -15.08 9.35
C PRO B 47 -18.25 -14.40 8.80
N ILE B 48 -18.28 -14.08 7.51
CA ILE B 48 -17.23 -13.26 6.90
C ILE B 48 -17.74 -11.88 6.51
N SER B 49 -19.05 -11.66 6.49
CA SER B 49 -19.62 -10.36 6.17
C SER B 49 -19.54 -9.47 7.42
N ALA B 50 -20.24 -8.33 7.38
CA ALA B 50 -20.27 -7.41 8.50
C ALA B 50 -21.22 -7.82 9.61
N ALA B 51 -21.76 -9.04 9.54
CA ALA B 51 -22.61 -9.56 10.60
C ALA B 51 -21.82 -10.14 11.75
N ARG B 52 -20.48 -10.15 11.65
CA ARG B 52 -19.65 -10.61 12.76
C ARG B 52 -19.81 -9.70 13.97
N PHE B 53 -19.83 -8.39 13.75
CA PHE B 53 -19.66 -7.42 14.81
C PHE B 53 -20.88 -7.30 15.71
N TRP B 54 -22.00 -7.92 15.36
CA TRP B 54 -23.14 -8.03 16.27
C TRP B 54 -23.56 -9.49 16.46
N SER B 55 -22.68 -10.43 16.14
CA SER B 55 -22.95 -11.82 16.43
C SER B 55 -22.86 -12.07 17.94
N LEU B 56 -23.27 -13.27 18.35
CA LEU B 56 -23.33 -13.56 19.78
C LEU B 56 -21.94 -13.58 20.41
N ASP B 57 -20.92 -14.06 19.69
CA ASP B 57 -19.57 -14.06 20.23
C ASP B 57 -19.06 -12.65 20.43
N PHE B 58 -19.20 -11.79 19.42
CA PHE B 58 -18.73 -10.42 19.54
C PHE B 58 -19.54 -9.64 20.57
N LEU B 59 -20.85 -9.88 20.63
CA LEU B 59 -21.66 -9.24 21.66
C LEU B 59 -21.22 -9.66 23.06
N ILE B 60 -20.92 -10.95 23.23
CA ILE B 60 -20.42 -11.44 24.51
C ILE B 60 -19.11 -10.77 24.87
N PHE B 61 -18.21 -10.64 23.91
CA PHE B 61 -16.93 -9.97 24.19
C PHE B 61 -17.14 -8.51 24.54
N TYR B 62 -18.06 -7.84 23.85
CA TYR B 62 -18.33 -6.44 24.17
C TYR B 62 -18.85 -6.29 25.58
N ALA B 63 -19.77 -7.18 25.99
CA ALA B 63 -20.28 -7.14 27.35
C ALA B 63 -19.17 -7.39 28.37
N TYR B 64 -18.27 -8.35 28.07
CA TYR B 64 -17.17 -8.63 28.98
C TYR B 64 -16.23 -7.44 29.11
N TYR B 65 -15.91 -6.79 27.99
CA TYR B 65 -15.06 -5.61 28.04
C TYR B 65 -15.71 -4.49 28.83
N ILE B 66 -17.01 -4.28 28.63
CA ILE B 66 -17.74 -3.27 29.38
C ILE B 66 -17.70 -3.57 30.87
N VAL B 67 -17.89 -4.84 31.23
CA VAL B 67 -17.88 -5.22 32.65
C VAL B 67 -16.51 -4.98 33.26
N CYS B 68 -15.45 -5.40 32.58
CA CYS B 68 -14.10 -5.23 33.11
C CYS B 68 -13.75 -3.75 33.26
N VAL B 69 -14.07 -2.95 32.24
CA VAL B 69 -13.76 -1.52 32.33
C VAL B 69 -14.60 -0.86 33.41
N GLY B 70 -15.85 -1.30 33.59
CA GLY B 70 -16.66 -0.77 34.66
C GLY B 70 -16.09 -1.08 36.04
N LEU B 71 -15.61 -2.30 36.24
CA LEU B 71 -14.99 -2.65 37.51
C LEU B 71 -13.74 -1.83 37.76
N PHE B 72 -12.88 -1.70 36.74
CA PHE B 72 -11.67 -0.91 36.89
C PHE B 72 -11.98 0.55 37.19
N ALA B 73 -12.95 1.12 36.47
CA ALA B 73 -13.34 2.50 36.69
C ALA B 73 -13.94 2.70 38.08
N LEU B 74 -14.74 1.75 38.54
CA LEU B 74 -15.31 1.86 39.88
C LEU B 74 -14.20 1.83 40.94
N PHE B 75 -13.23 0.93 40.78
CA PHE B 75 -12.14 0.86 41.74
C PHE B 75 -11.34 2.17 41.75
N TRP B 76 -11.05 2.73 40.58
CA TRP B 76 -10.28 3.96 40.55
C TRP B 76 -11.09 5.19 40.92
N PHE B 77 -12.41 5.14 40.81
CA PHE B 77 -13.24 6.24 41.26
C PHE B 77 -13.36 6.25 42.77
N ILE B 78 -13.42 5.07 43.39
CA ILE B 78 -13.52 5.03 44.84
C ILE B 78 -12.15 5.20 45.50
N TYR B 79 -11.08 4.75 44.83
CA TYR B 79 -9.75 4.83 45.42
C TYR B 79 -9.30 6.28 45.56
N SER B 80 -9.41 7.05 44.49
CA SER B 80 -8.99 8.45 44.49
C SER B 80 -9.72 9.23 43.41
N PRO B 81 -10.83 9.88 43.73
CA PRO B 81 -11.57 10.63 42.71
C PRO B 81 -10.73 11.74 42.11
N HIS B 82 -10.96 12.00 40.83
CA HIS B 82 -10.22 12.99 40.07
C HIS B 82 -11.19 13.80 39.22
N ARG B 83 -10.80 15.02 38.87
CA ARG B 83 -11.68 15.87 38.08
C ARG B 83 -11.92 15.28 36.70
N TRP B 84 -10.85 14.94 36.00
CA TRP B 84 -10.95 14.32 34.67
C TRP B 84 -10.91 12.80 34.76
N GLN B 85 -11.77 12.24 35.60
CA GLN B 85 -11.83 10.79 35.73
C GLN B 85 -12.72 10.14 34.68
N TYR B 86 -13.57 10.92 34.02
CA TYR B 86 -14.43 10.42 32.96
C TYR B 86 -13.80 10.60 31.57
N TRP B 87 -12.62 11.20 31.50
CA TRP B 87 -11.88 11.34 30.25
C TRP B 87 -10.58 10.55 30.24
N SER B 88 -9.95 10.37 31.40
CA SER B 88 -8.68 9.67 31.50
C SER B 88 -8.86 8.17 31.68
N ILE B 89 -9.90 7.74 32.38
CA ILE B 89 -10.12 6.33 32.64
C ILE B 89 -11.07 5.75 31.60
N LEU B 90 -12.25 6.34 31.46
CA LEU B 90 -13.23 5.83 30.51
C LEU B 90 -12.85 6.18 29.08
N GLY B 91 -12.33 7.40 28.86
CA GLY B 91 -11.95 7.80 27.51
C GLY B 91 -10.83 6.94 26.95
N THR B 92 -9.81 6.66 27.77
CA THR B 92 -8.70 5.82 27.32
C THR B 92 -9.17 4.40 27.03
N ALA B 93 -10.07 3.87 27.87
CA ALA B 93 -10.63 2.56 27.62
C ALA B 93 -11.39 2.52 26.29
N LEU B 94 -12.17 3.58 26.01
CA LEU B 94 -12.88 3.64 24.75
C LEU B 94 -11.92 3.71 23.57
N ILE B 95 -10.83 4.49 23.70
CA ILE B 95 -9.86 4.58 22.62
C ILE B 95 -9.21 3.22 22.36
N ILE B 96 -8.85 2.50 23.42
CA ILE B 96 -8.25 1.19 23.26
C ILE B 96 -9.23 0.22 22.61
N PHE B 97 -10.50 0.26 23.03
CA PHE B 97 -11.50 -0.62 22.45
C PHE B 97 -11.71 -0.33 20.97
N VAL B 98 -11.73 0.95 20.59
CA VAL B 98 -11.92 1.29 19.19
C VAL B 98 -10.71 0.88 18.36
N THR B 99 -9.51 1.00 18.92
CA THR B 99 -8.33 0.50 18.21
C THR B 99 -8.42 -0.99 17.98
N TRP B 100 -8.86 -1.74 19.00
CA TRP B 100 -9.04 -3.18 18.82
C TRP B 100 -10.11 -3.47 17.78
N PHE B 101 -11.19 -2.70 17.77
CA PHE B 101 -12.26 -2.91 16.81
C PHE B 101 -11.77 -2.67 15.39
N LEU B 102 -10.95 -1.65 15.18
CA LEU B 102 -10.39 -1.41 13.85
C LEU B 102 -9.45 -2.53 13.45
N VAL B 103 -8.67 -3.05 14.40
CA VAL B 103 -7.83 -4.22 14.11
C VAL B 103 -8.69 -5.39 13.66
N GLU B 104 -9.82 -5.61 14.33
CA GLU B 104 -10.70 -6.72 13.96
C GLU B 104 -11.38 -6.49 12.62
N VAL B 105 -11.67 -5.24 12.27
CA VAL B 105 -12.19 -4.94 10.95
C VAL B 105 -11.15 -5.30 9.88
N GLY B 106 -9.89 -4.95 10.13
CA GLY B 106 -8.83 -5.35 9.22
C GLY B 106 -8.72 -6.86 9.11
N VAL B 107 -8.89 -7.57 10.24
CA VAL B 107 -8.87 -9.03 10.20
C VAL B 107 -10.02 -9.56 9.36
N ALA B 108 -11.20 -8.95 9.47
CA ALA B 108 -12.34 -9.38 8.67
C ALA B 108 -12.09 -9.19 7.18
N VAL B 109 -11.49 -8.05 6.81
CA VAL B 109 -11.18 -7.82 5.40
C VAL B 109 -10.15 -8.83 4.90
N ASN B 110 -9.14 -9.11 5.73
CA ASN B 110 -8.14 -10.11 5.35
C ASN B 110 -8.78 -11.47 5.14
N ALA B 111 -9.72 -11.85 6.00
CA ALA B 111 -10.43 -13.11 5.83
C ALA B 111 -11.30 -13.10 4.58
N TRP B 112 -11.88 -11.94 4.24
CA TRP B 112 -12.71 -11.85 3.04
C TRP B 112 -11.88 -11.98 1.78
N TYR B 113 -10.60 -11.62 1.82
CA TYR B 113 -9.77 -11.72 0.62
C TYR B 113 -9.68 -13.15 0.07
N ALA B 114 -9.94 -14.17 0.88
CA ALA B 114 -9.76 -15.54 0.39
C ALA B 114 -10.89 -15.98 -0.54
N PRO B 115 -12.16 -15.96 -0.14
CA PRO B 115 -13.21 -16.39 -1.08
C PRO B 115 -13.31 -15.51 -2.30
N PHE B 116 -13.04 -14.21 -2.17
CA PHE B 116 -13.12 -13.31 -3.31
C PHE B 116 -12.13 -13.70 -4.40
N TYR B 117 -10.88 -13.93 -4.02
CA TYR B 117 -9.88 -14.30 -5.02
C TYR B 117 -9.99 -15.75 -5.46
N ASP B 118 -10.56 -16.63 -4.63
CA ASP B 118 -10.93 -17.95 -5.13
C ASP B 118 -11.97 -17.83 -6.24
N LEU B 119 -12.95 -16.93 -6.06
CA LEU B 119 -13.94 -16.69 -7.10
C LEU B 119 -13.30 -16.08 -8.34
N ILE B 120 -12.35 -15.16 -8.14
CA ILE B 120 -11.65 -14.56 -9.28
C ILE B 120 -10.89 -15.61 -10.06
N GLN B 121 -10.19 -16.51 -9.36
CA GLN B 121 -9.49 -17.60 -10.04
C GLN B 121 -10.44 -18.51 -10.79
N THR B 122 -11.59 -18.82 -10.18
CA THR B 122 -12.58 -19.64 -10.86
C THR B 122 -13.10 -18.96 -12.12
N ALA B 123 -13.37 -17.65 -12.04
CA ALA B 123 -13.86 -16.91 -13.20
C ALA B 123 -12.82 -16.87 -14.31
N LEU B 124 -11.56 -16.64 -13.96
CA LEU B 124 -10.50 -16.61 -14.96
C LEU B 124 -10.13 -18.00 -15.47
N SER B 125 -10.57 -19.06 -14.79
CA SER B 125 -10.27 -20.41 -15.26
C SER B 125 -10.89 -20.68 -16.63
N SER B 126 -12.15 -20.28 -16.81
CA SER B 126 -12.85 -20.50 -18.06
C SER B 126 -13.82 -19.35 -18.26
N PRO B 127 -13.89 -18.78 -19.47
CA PRO B 127 -14.78 -17.64 -19.69
C PRO B 127 -16.23 -17.99 -19.48
N HIS B 128 -16.96 -17.08 -18.84
CA HIS B 128 -18.40 -17.22 -18.58
C HIS B 128 -18.72 -18.46 -17.77
N LYS B 129 -17.80 -18.87 -16.90
CA LYS B 129 -18.08 -19.89 -15.90
C LYS B 129 -18.70 -19.30 -14.65
N VAL B 130 -18.36 -18.05 -14.33
CA VAL B 130 -18.86 -17.35 -13.16
C VAL B 130 -19.65 -16.15 -13.65
N THR B 131 -20.93 -16.09 -13.29
CA THR B 131 -21.77 -14.96 -13.67
C THR B 131 -21.35 -13.71 -12.91
N ILE B 132 -21.61 -12.54 -13.51
CA ILE B 132 -21.17 -11.29 -12.91
C ILE B 132 -21.89 -10.99 -11.61
N GLU B 133 -23.09 -11.55 -11.42
CA GLU B 133 -23.82 -11.30 -10.18
C GLU B 133 -23.04 -11.81 -8.97
N GLN B 134 -22.42 -12.98 -9.09
CA GLN B 134 -21.60 -13.50 -8.00
C GLN B 134 -20.42 -12.59 -7.68
N PHE B 135 -20.06 -11.71 -8.62
CA PHE B 135 -18.99 -10.75 -8.34
C PHE B 135 -19.52 -9.52 -7.62
N TYR B 136 -20.79 -9.17 -7.82
CA TYR B 136 -21.36 -8.03 -7.12
C TYR B 136 -21.57 -8.35 -5.64
N ARG B 137 -22.13 -9.53 -5.36
CA ARG B 137 -22.42 -9.91 -3.98
C ARG B 137 -21.16 -9.88 -3.12
N GLU B 138 -20.05 -10.38 -3.66
CA GLU B 138 -18.79 -10.33 -2.92
C GLU B 138 -18.43 -8.88 -2.57
N VAL B 139 -18.53 -7.98 -3.55
CA VAL B 139 -18.33 -6.57 -3.24
C VAL B 139 -19.39 -6.08 -2.26
N GLY B 140 -20.63 -6.54 -2.44
CA GLY B 140 -21.67 -6.21 -1.47
C GLY B 140 -21.32 -6.67 -0.07
N VAL B 141 -20.47 -7.69 0.04
CA VAL B 141 -19.97 -8.09 1.36
C VAL B 141 -18.91 -7.09 1.84
N PHE B 142 -17.96 -6.74 0.97
CA PHE B 142 -16.86 -5.87 1.39
C PHE B 142 -17.38 -4.49 1.80
N LEU B 143 -18.29 -3.92 1.01
CA LEU B 143 -18.88 -2.64 1.38
C LEU B 143 -19.65 -2.73 2.69
N GLY B 144 -20.08 -3.93 3.09
CA GLY B 144 -20.66 -4.09 4.41
C GLY B 144 -19.63 -3.87 5.50
N ILE B 145 -18.42 -4.39 5.32
CA ILE B 145 -17.38 -4.28 6.33
C ILE B 145 -16.76 -2.88 6.30
N ALA B 146 -16.31 -2.45 5.12
CA ALA B 146 -15.58 -1.19 5.01
C ALA B 146 -16.41 -0.01 5.51
N LEU B 147 -17.72 -0.03 5.23
CA LEU B 147 -18.59 1.03 5.71
C LEU B 147 -18.49 1.19 7.21
N ILE B 148 -18.45 0.08 7.95
CA ILE B 148 -18.26 0.16 9.40
C ILE B 148 -16.94 0.83 9.72
N ALA B 149 -15.87 0.41 9.04
CA ALA B 149 -14.58 1.06 9.22
C ALA B 149 -14.63 2.52 8.81
N VAL B 150 -15.56 2.89 7.93
CA VAL B 150 -15.73 4.29 7.58
C VAL B 150 -16.32 5.07 8.75
N VAL B 151 -17.27 4.47 9.47
CA VAL B 151 -17.96 5.19 10.53
C VAL B 151 -17.10 5.25 11.79
N ILE B 152 -16.78 4.09 12.35
CA ILE B 152 -16.11 4.04 13.66
C ILE B 152 -14.84 4.87 13.65
N SER B 153 -14.00 4.68 12.62
CA SER B 153 -12.75 5.42 12.53
C SER B 153 -13.01 6.92 12.54
N VAL B 154 -14.01 7.38 11.79
CA VAL B 154 -14.34 8.80 11.79
C VAL B 154 -14.72 9.26 13.18
N LEU B 155 -15.50 8.44 13.90
CA LEU B 155 -15.82 8.79 15.28
C LEU B 155 -14.57 8.73 16.15
N ASN B 156 -13.67 7.77 15.88
CA ASN B 156 -12.46 7.63 16.68
C ASN B 156 -11.63 8.91 16.61
N ASN B 157 -11.34 9.39 15.40
CA ASN B 157 -10.59 10.63 15.25
C ASN B 157 -11.32 11.80 15.89
N PHE B 158 -12.64 11.71 16.01
CA PHE B 158 -13.37 12.76 16.71
C PHE B 158 -13.15 12.69 18.21
N PHE B 159 -13.15 11.48 18.77
CA PHE B 159 -13.00 11.35 20.21
C PHE B 159 -11.56 11.64 20.63
N VAL B 160 -10.61 10.94 20.00
CA VAL B 160 -9.19 11.11 20.33
C VAL B 160 -8.83 12.58 20.44
N SER B 161 -9.11 13.34 19.38
CA SER B 161 -8.77 14.76 19.37
C SER B 161 -9.37 15.46 20.59
N HIS B 162 -10.67 15.29 20.81
CA HIS B 162 -11.30 15.89 21.98
C HIS B 162 -10.59 15.45 23.24
N TYR B 163 -10.37 14.13 23.36
CA TYR B 163 -9.65 13.60 24.51
C TYR B 163 -8.31 14.31 24.66
N VAL B 164 -7.55 14.40 23.57
CA VAL B 164 -6.26 15.08 23.61
C VAL B 164 -6.41 16.49 24.15
N PHE B 165 -7.41 17.22 23.63
CA PHE B 165 -7.58 18.60 24.06
C PHE B 165 -7.89 18.67 25.55
N ARG B 166 -8.67 17.72 26.06
CA ARG B 166 -8.94 17.71 27.49
C ARG B 166 -7.64 17.61 28.27
N TRP B 167 -6.72 16.75 27.81
CA TRP B 167 -5.41 16.67 28.44
C TRP B 167 -4.79 18.06 28.57
N ARG B 168 -4.78 18.81 27.46
CA ARG B 168 -4.22 20.16 27.52
C ARG B 168 -4.92 20.98 28.59
N THR B 169 -6.26 20.97 28.58
CA THR B 169 -7.00 21.70 29.61
C THR B 169 -6.55 21.24 30.98
N ALA B 170 -6.47 19.93 31.19
CA ALA B 170 -6.07 19.41 32.48
C ALA B 170 -4.70 19.92 32.89
N MET B 171 -3.79 20.02 31.93
CA MET B 171 -2.49 20.63 32.22
C MET B 171 -2.63 22.14 32.34
N ASN B 172 -3.36 22.77 31.41
CA ASN B 172 -3.39 24.23 31.36
C ASN B 172 -4.04 24.79 32.62
N GLU B 173 -5.21 24.26 32.98
CA GLU B 173 -5.88 24.70 34.20
C GLU B 173 -5.02 24.50 35.43
N TYR B 174 -4.02 23.62 35.36
CA TYR B 174 -3.08 23.50 36.46
C TYR B 174 -1.99 24.57 36.37
N TYR B 175 -1.40 24.72 35.19
CA TYR B 175 -0.27 25.64 35.06
C TYR B 175 -0.67 27.07 35.38
N MET B 176 -1.76 27.55 34.77
CA MET B 176 -2.23 28.88 35.08
C MET B 176 -2.80 29.00 36.48
N ALA B 177 -3.02 27.88 37.18
CA ALA B 177 -3.38 27.96 38.58
C ALA B 177 -2.18 28.29 39.46
N ASN B 178 -0.97 28.10 38.96
CA ASN B 178 0.25 28.44 39.68
C ASN B 178 1.09 29.44 38.88
N TRP B 179 0.44 30.34 38.16
CA TRP B 179 1.16 31.28 37.31
C TRP B 179 2.04 32.22 38.12
N GLN B 180 1.54 32.69 39.26
CA GLN B 180 2.30 33.63 40.08
C GLN B 180 3.59 32.99 40.59
N GLN B 181 3.52 31.73 41.02
CA GLN B 181 4.69 31.02 41.51
C GLN B 181 5.57 30.47 40.38
N LEU B 182 5.12 30.57 39.13
CA LEU B 182 5.81 29.97 38.00
C LEU B 182 6.04 30.98 36.89
N ARG B 183 5.84 32.27 37.17
CA ARG B 183 6.00 33.30 36.15
C ARG B 183 7.47 33.59 35.83
N HIS B 184 8.34 33.46 36.83
CA HIS B 184 9.72 33.91 36.68
C HIS B 184 10.55 33.01 35.77
N ILE B 185 10.11 31.76 35.56
CA ILE B 185 10.91 30.81 34.80
C ILE B 185 10.96 31.21 33.33
N GLU B 186 12.15 31.16 32.74
CA GLU B 186 12.31 31.50 31.33
C GLU B 186 11.55 30.50 30.46
N GLY B 187 10.94 31.01 29.40
CA GLY B 187 10.18 30.17 28.49
C GLY B 187 8.82 29.75 28.99
N ALA B 188 8.32 30.36 30.07
CA ALA B 188 7.03 29.98 30.62
C ALA B 188 5.89 30.27 29.66
N ALA B 189 6.06 31.27 28.79
CA ALA B 189 5.02 31.62 27.84
C ALA B 189 4.85 30.59 26.73
N GLN B 190 5.80 29.65 26.59
CA GLN B 190 5.72 28.63 25.56
C GLN B 190 5.39 27.25 26.11
N ARG B 191 5.82 26.93 27.32
CA ARG B 191 5.48 25.64 27.91
C ARG B 191 3.98 25.52 28.13
N VAL B 192 3.34 26.60 28.60
CA VAL B 192 1.90 26.56 28.85
C VAL B 192 1.12 26.53 27.54
N GLN B 193 1.64 27.15 26.49
CA GLN B 193 0.88 27.30 25.25
C GLN B 193 1.15 26.18 24.25
N GLU B 194 2.42 26.00 23.85
CA GLU B 194 2.77 25.10 22.76
C GLU B 194 3.14 23.70 23.25
N ASP B 195 4.07 23.61 24.20
CA ASP B 195 4.55 22.31 24.65
C ASP B 195 3.44 21.48 25.25
N THR B 196 2.41 22.12 25.81
CA THR B 196 1.28 21.38 26.37
C THR B 196 0.59 20.54 25.29
N MET B 197 0.14 21.19 24.22
CA MET B 197 -0.48 20.45 23.12
C MET B 197 0.48 19.49 22.46
N ARG B 198 1.74 19.89 22.29
CA ARG B 198 2.70 19.01 21.63
C ARG B 198 2.87 17.71 22.42
N PHE B 199 3.07 17.84 23.74
CA PHE B 199 3.24 16.66 24.59
C PHE B 199 1.99 15.79 24.57
N ALA B 200 0.81 16.41 24.73
CA ALA B 200 -0.42 15.62 24.78
C ALA B 200 -0.63 14.85 23.49
N SER B 201 -0.56 15.55 22.35
CA SER B 201 -0.80 14.91 21.07
C SER B 201 0.21 13.82 20.78
N THR B 202 1.50 14.12 20.98
CA THR B 202 2.53 13.13 20.64
C THR B 202 2.43 11.90 21.54
N LEU B 203 2.22 12.08 22.84
CA LEU B 203 2.12 10.94 23.74
C LEU B 203 0.89 10.09 23.42
N GLU B 204 -0.25 10.74 23.17
CA GLU B 204 -1.45 9.97 22.85
C GLU B 204 -1.27 9.19 21.55
N ASN B 205 -0.71 9.83 20.53
CA ASN B 205 -0.47 9.15 19.26
C ASN B 205 0.49 7.98 19.43
N MET B 206 1.52 8.14 20.27
CA MET B 206 2.48 7.07 20.47
C MET B 206 1.86 5.90 21.21
N GLY B 207 1.05 6.18 22.23
CA GLY B 207 0.35 5.11 22.91
C GLY B 207 -0.56 4.34 21.97
N VAL B 208 -1.29 5.06 21.12
CA VAL B 208 -2.15 4.39 20.14
C VAL B 208 -1.32 3.56 19.17
N SER B 209 -0.18 4.09 18.72
CA SER B 209 0.65 3.35 17.78
C SER B 209 1.18 2.06 18.40
N PHE B 210 1.68 2.13 19.63
CA PHE B 210 2.22 0.94 20.30
C PHE B 210 1.13 -0.09 20.53
N ILE B 211 -0.03 0.35 21.03
CA ILE B 211 -1.13 -0.56 21.27
C ILE B 211 -1.61 -1.18 19.97
N ASN B 212 -1.66 -0.39 18.90
CA ASN B 212 -2.11 -0.89 17.60
C ASN B 212 -1.15 -1.94 17.06
N ALA B 213 0.15 -1.70 17.19
CA ALA B 213 1.11 -2.70 16.72
C ALA B 213 1.00 -4.00 17.51
N ILE B 214 0.87 -3.90 18.83
CA ILE B 214 0.74 -5.09 19.65
C ILE B 214 -0.52 -5.86 19.28
N MET B 215 -1.63 -5.15 19.11
CA MET B 215 -2.88 -5.80 18.75
C MET B 215 -2.82 -6.43 17.36
N THR B 216 -2.18 -5.76 16.41
CA THR B 216 -2.04 -6.33 15.07
C THR B 216 -1.27 -7.63 15.11
N LEU B 217 -0.15 -7.66 15.84
CA LEU B 217 0.62 -8.88 15.96
C LEU B 217 -0.20 -9.98 16.64
N ILE B 218 -0.87 -9.65 17.73
CA ILE B 218 -1.63 -10.65 18.47
C ILE B 218 -2.76 -11.21 17.62
N ALA B 219 -3.40 -10.36 16.81
CA ALA B 219 -4.53 -10.79 16.01
C ALA B 219 -4.10 -11.58 14.77
N PHE B 220 -2.97 -11.25 14.18
CA PHE B 220 -2.56 -11.89 12.93
C PHE B 220 -1.53 -12.99 13.11
N LEU B 221 -1.11 -13.30 14.34
CA LEU B 221 -0.34 -14.52 14.55
C LEU B 221 -1.19 -15.78 14.38
N PRO B 222 -2.37 -15.91 15.01
CA PRO B 222 -3.17 -17.12 14.76
C PRO B 222 -3.61 -17.29 13.32
N VAL B 223 -3.89 -16.19 12.61
CA VAL B 223 -4.27 -16.29 11.21
C VAL B 223 -3.13 -16.87 10.39
N LEU B 224 -1.91 -16.41 10.63
CA LEU B 224 -0.76 -16.96 9.91
C LEU B 224 -0.51 -18.42 10.31
N VAL B 225 -0.74 -18.75 11.59
CA VAL B 225 -0.55 -20.13 12.04
C VAL B 225 -1.52 -21.06 11.34
N THR B 226 -2.79 -20.66 11.23
CA THR B 226 -3.77 -21.51 10.57
C THR B 226 -3.62 -21.50 9.05
N LEU B 227 -3.05 -20.45 8.46
CA LEU B 227 -2.74 -20.46 7.04
C LEU B 227 -1.50 -21.28 6.71
N SER B 228 -0.61 -21.48 7.68
CA SER B 228 0.62 -22.24 7.43
C SER B 228 0.36 -23.72 7.20
N ALA B 229 -0.85 -24.21 7.43
CA ALA B 229 -1.15 -25.60 7.15
C ALA B 229 -1.15 -25.92 5.67
N HIS B 230 -1.24 -24.90 4.81
CA HIS B 230 -1.25 -25.08 3.37
C HIS B 230 0.08 -24.78 2.72
N VAL B 231 1.11 -24.49 3.52
CA VAL B 231 2.45 -24.18 2.99
C VAL B 231 3.44 -25.16 3.59
N PRO B 232 3.58 -26.37 3.02
CA PRO B 232 4.41 -27.41 3.62
C PRO B 232 5.88 -27.39 3.23
N GLU B 233 6.36 -26.35 2.54
CA GLU B 233 7.74 -26.34 2.09
C GLU B 233 8.16 -24.91 1.79
N LEU B 234 9.15 -24.41 2.52
CA LEU B 234 9.73 -23.12 2.20
C LEU B 234 10.86 -23.28 1.20
N PRO B 235 11.18 -22.22 0.43
CA PRO B 235 12.23 -22.34 -0.57
C PRO B 235 13.60 -22.57 0.06
N ILE B 236 14.45 -23.28 -0.68
CA ILE B 236 15.85 -23.50 -0.32
C ILE B 236 15.96 -24.31 0.97
N ILE B 237 15.50 -23.74 2.08
CA ILE B 237 15.69 -24.38 3.38
C ILE B 237 14.90 -25.68 3.51
N GLY B 238 13.88 -25.88 2.68
CA GLY B 238 13.10 -27.10 2.74
C GLY B 238 11.91 -27.00 3.68
N HIS B 239 11.57 -28.11 4.33
CA HIS B 239 10.45 -28.15 5.25
C HIS B 239 10.89 -27.72 6.64
N ILE B 240 10.18 -26.75 7.20
CA ILE B 240 10.42 -26.28 8.56
C ILE B 240 9.08 -26.25 9.29
N PRO B 241 8.96 -26.83 10.49
CA PRO B 241 7.67 -26.82 11.19
C PRO B 241 7.22 -25.40 11.48
N TYR B 242 5.97 -25.11 11.11
CA TYR B 242 5.43 -23.75 11.18
C TYR B 242 6.35 -22.78 10.45
N GLY B 243 6.76 -23.18 9.25
CA GLY B 243 7.76 -22.43 8.52
C GLY B 243 7.29 -21.04 8.11
N LEU B 244 6.02 -20.92 7.73
CA LEU B 244 5.52 -19.65 7.24
C LEU B 244 5.54 -18.57 8.34
N VAL B 245 4.98 -18.89 9.51
CA VAL B 245 4.92 -17.91 10.58
C VAL B 245 6.32 -17.61 11.12
N ILE B 246 7.16 -18.64 11.23
CA ILE B 246 8.53 -18.44 11.71
C ILE B 246 9.29 -17.53 10.75
N ALA B 247 9.17 -17.79 9.45
CA ALA B 247 9.87 -16.98 8.47
C ALA B 247 9.36 -15.54 8.46
N ALA B 248 8.04 -15.35 8.59
CA ALA B 248 7.49 -14.01 8.63
C ALA B 248 7.99 -13.24 9.85
N ILE B 249 7.95 -13.87 11.02
CA ILE B 249 8.41 -13.22 12.24
C ILE B 249 9.89 -12.88 12.14
N VAL B 250 10.69 -13.84 11.65
CA VAL B 250 12.13 -13.63 11.54
C VAL B 250 12.42 -12.49 10.56
N TRP B 251 11.75 -12.46 9.42
CA TRP B 251 11.97 -11.40 8.45
C TRP B 251 11.60 -10.04 9.03
N SER B 252 10.45 -9.96 9.70
CA SER B 252 10.01 -8.67 10.24
C SER B 252 10.97 -8.18 11.32
N LEU B 253 11.33 -9.05 12.27
CA LEU B 253 12.21 -8.61 13.34
C LEU B 253 13.62 -8.36 12.82
N MET B 254 14.07 -9.10 11.81
CA MET B 254 15.38 -8.85 11.23
C MET B 254 15.42 -7.50 10.52
N GLY B 255 14.37 -7.16 9.78
CA GLY B 255 14.31 -5.84 9.17
C GLY B 255 14.29 -4.73 10.21
N THR B 256 13.45 -4.88 11.24
CA THR B 256 13.38 -3.86 12.28
C THR B 256 14.70 -3.72 13.02
N GLY B 257 15.34 -4.85 13.33
CA GLY B 257 16.63 -4.80 14.02
C GLY B 257 17.72 -4.20 13.16
N LEU B 258 17.73 -4.53 11.87
CA LEU B 258 18.70 -3.93 10.96
C LEU B 258 18.53 -2.41 10.91
N LEU B 259 17.28 -1.96 10.78
CA LEU B 259 17.01 -0.52 10.74
C LEU B 259 17.41 0.15 12.05
N ALA B 260 17.17 -0.53 13.18
CA ALA B 260 17.57 0.03 14.47
C ALA B 260 19.08 0.12 14.58
N VAL B 261 19.80 -0.93 14.19
CA VAL B 261 21.25 -0.94 14.31
C VAL B 261 21.88 0.13 13.43
N VAL B 262 21.40 0.28 12.19
CA VAL B 262 21.95 1.34 11.36
C VAL B 262 21.45 2.71 11.79
N GLY B 263 20.41 2.77 12.61
CA GLY B 263 19.84 4.04 13.02
C GLY B 263 19.89 4.31 14.51
N ILE B 264 20.98 3.94 15.17
CA ILE B 264 21.17 4.32 16.57
C ILE B 264 21.83 5.69 16.69
N LYS B 265 22.70 6.06 15.75
CA LYS B 265 23.37 7.35 15.79
C LYS B 265 22.52 8.46 15.20
N LEU B 266 21.45 8.13 14.48
CA LEU B 266 20.59 9.15 13.90
C LEU B 266 19.94 10.04 14.94
N PRO B 267 19.33 9.52 16.02
CA PRO B 267 18.79 10.44 17.04
C PRO B 267 19.86 11.31 17.68
N GLY B 268 21.07 10.77 17.89
CA GLY B 268 22.13 11.58 18.46
C GLY B 268 22.55 12.72 17.55
N LEU B 269 22.69 12.43 16.26
CA LEU B 269 23.04 13.49 15.31
C LEU B 269 21.91 14.51 15.19
N GLU B 270 20.66 14.05 15.24
CA GLU B 270 19.53 14.97 15.22
C GLU B 270 19.57 15.92 16.41
N PHE B 271 19.80 15.38 17.61
CA PHE B 271 19.88 16.21 18.80
C PHE B 271 21.05 17.17 18.72
N LYS B 272 22.20 16.71 18.19
CA LYS B 272 23.36 17.58 18.08
C LYS B 272 23.09 18.76 17.15
N ASN B 273 22.47 18.50 15.99
CA ASN B 273 22.21 19.62 15.09
C ASN B 273 21.13 20.54 15.64
N GLN B 274 20.14 20.00 16.36
CA GLN B 274 19.18 20.86 17.02
C GLN B 274 19.87 21.75 18.06
N ARG B 275 20.81 21.20 18.81
CA ARG B 275 21.52 21.98 19.81
C ARG B 275 22.34 23.11 19.17
N VAL B 276 23.06 22.80 18.09
CA VAL B 276 23.89 23.83 17.47
C VAL B 276 23.02 24.90 16.82
N GLU B 277 21.87 24.52 16.24
CA GLU B 277 20.98 25.52 15.68
C GLU B 277 20.35 26.37 16.77
N ALA B 278 20.05 25.77 17.94
CA ALA B 278 19.56 26.55 19.05
C ALA B 278 20.60 27.55 19.54
N ALA B 279 21.88 27.14 19.55
CA ALA B 279 22.94 28.07 19.91
C ALA B 279 23.03 29.22 18.91
N TYR B 280 22.88 28.91 17.62
CA TYR B 280 22.82 29.95 16.60
C TYR B 280 21.69 30.94 16.88
N ARG B 281 20.50 30.40 17.20
CA ARG B 281 19.37 31.28 17.49
C ARG B 281 19.61 32.13 18.73
N LYS B 282 20.23 31.54 19.76
CA LYS B 282 20.52 32.29 20.98
C LYS B 282 21.48 33.44 20.71
N GLU B 283 22.52 33.19 19.91
CA GLU B 283 23.44 34.27 19.56
C GLU B 283 22.74 35.35 18.74
N LEU B 284 21.85 34.95 17.83
CA LEU B 284 21.08 35.93 17.08
C LEU B 284 20.18 36.75 18.00
N VAL B 285 19.59 36.12 19.00
CA VAL B 285 18.75 36.83 19.96
C VAL B 285 19.58 37.84 20.75
N TYR B 286 20.79 37.46 21.16
CA TYR B 286 21.65 38.42 21.85
C TYR B 286 22.01 39.59 20.94
N GLY B 287 22.35 39.30 19.69
CA GLY B 287 22.64 40.36 18.74
C GLY B 287 21.44 41.21 18.36
N GLU B 288 20.23 40.74 18.64
CA GLU B 288 19.03 41.52 18.38
C GLU B 288 19.08 42.90 19.04
N ASP B 289 19.63 42.98 20.25
CA ASP B 289 19.62 44.26 20.97
C ASP B 289 21.02 44.68 21.41
N ASP B 290 21.94 43.71 21.58
CA ASP B 290 23.26 44.09 22.04
C ASP B 290 24.07 44.85 20.98
N ALA B 291 23.75 44.66 19.70
CA ALA B 291 24.32 45.43 18.60
C ALA B 291 25.82 45.22 18.44
N THR B 292 26.41 44.37 19.29
CA THR B 292 27.82 44.04 19.20
C THR B 292 28.11 42.56 19.36
N ARG B 293 27.08 41.73 19.55
CA ARG B 293 27.31 40.31 19.78
C ARG B 293 27.46 39.55 18.46
N ALA B 294 26.49 39.69 17.56
CA ALA B 294 26.48 38.92 16.31
C ALA B 294 27.45 39.53 15.30
N THR B 295 28.72 39.56 15.68
CA THR B 295 29.77 39.99 14.78
C THR B 295 29.97 38.95 13.68
N PRO B 296 30.48 39.36 12.52
CA PRO B 296 30.64 38.43 11.40
C PRO B 296 31.45 37.19 11.77
N PRO B 297 32.54 37.31 12.54
CA PRO B 297 33.26 36.09 12.94
C PRO B 297 32.42 35.12 13.75
N THR B 298 31.65 35.62 14.71
CA THR B 298 30.86 34.74 15.57
C THR B 298 29.79 34.00 14.78
N VAL B 299 29.03 34.73 13.95
CA VAL B 299 27.99 34.10 13.16
C VAL B 299 28.59 33.16 12.13
N ARG B 300 29.75 33.51 11.57
CA ARG B 300 30.40 32.63 10.61
C ARG B 300 30.79 31.31 11.27
N GLU B 301 31.38 31.37 12.47
CA GLU B 301 31.77 30.15 13.17
C GLU B 301 30.54 29.32 13.55
N LEU B 302 29.48 29.99 14.03
CA LEU B 302 28.28 29.26 14.43
C LEU B 302 27.63 28.58 13.23
N PHE B 303 27.59 29.26 12.08
CA PHE B 303 27.00 28.63 10.91
C PHE B 303 27.89 27.55 10.33
N SER B 304 29.21 27.66 10.49
CA SER B 304 30.08 26.56 10.09
C SER B 304 29.80 25.32 10.94
N ALA B 305 29.61 25.51 12.25
CA ALA B 305 29.25 24.39 13.11
C ALA B 305 27.91 23.80 12.70
N VAL B 306 26.93 24.65 12.41
CA VAL B 306 25.62 24.17 11.96
C VAL B 306 25.75 23.38 10.67
N ARG B 307 26.56 23.90 9.73
CA ARG B 307 26.73 23.24 8.45
C ARG B 307 27.34 21.86 8.60
N LYS B 308 28.43 21.74 9.38
CA LYS B 308 29.06 20.42 9.51
C LYS B 308 28.18 19.46 10.28
N ASN B 309 27.43 19.95 11.28
CA ASN B 309 26.55 19.07 12.04
C ASN B 309 25.33 18.63 11.23
N TYR B 310 24.91 19.41 10.23
CA TYR B 310 23.90 18.93 9.30
C TYR B 310 24.48 17.96 8.28
N PHE B 311 25.72 18.21 7.84
CA PHE B 311 26.31 17.35 6.82
C PHE B 311 26.57 15.95 7.38
N ARG B 312 26.96 15.85 8.65
CA ARG B 312 27.15 14.53 9.26
C ARG B 312 25.84 13.74 9.26
N LEU B 313 24.74 14.39 9.63
CA LEU B 313 23.44 13.71 9.61
C LEU B 313 23.03 13.33 8.21
N TYR B 314 23.27 14.22 7.24
CA TYR B 314 22.93 13.91 5.84
C TYR B 314 23.74 12.72 5.34
N PHE B 315 24.96 12.55 5.83
CA PHE B 315 25.78 11.40 5.43
C PHE B 315 25.28 10.10 6.07
N HIS B 316 24.93 10.14 7.36
CA HIS B 316 24.49 8.91 8.03
C HIS B 316 23.11 8.48 7.55
N TYR B 317 22.24 9.45 7.25
CA TYR B 317 20.93 9.09 6.73
C TYR B 317 21.04 8.41 5.38
N MET B 318 22.17 8.55 4.69
CA MET B 318 22.36 7.81 3.44
C MET B 318 22.46 6.31 3.70
N TYR B 319 23.23 5.91 4.71
CA TYR B 319 23.27 4.50 5.09
C TYR B 319 21.91 4.02 5.57
N PHE B 320 21.24 4.84 6.39
CA PHE B 320 19.92 4.43 6.87
C PHE B 320 18.94 4.27 5.70
N ASN B 321 19.02 5.16 4.71
CA ASN B 321 18.16 5.08 3.54
C ASN B 321 18.48 3.84 2.71
N ILE B 322 19.76 3.51 2.55
CA ILE B 322 20.12 2.29 1.85
C ILE B 322 19.44 1.09 2.51
N ALA B 323 19.57 1.00 3.84
CA ALA B 323 18.98 -0.12 4.55
C ALA B 323 17.46 -0.16 4.40
N ARG B 324 16.80 0.99 4.63
CA ARG B 324 15.35 1.03 4.62
C ARG B 324 14.79 0.74 3.23
N ILE B 325 15.37 1.35 2.18
CA ILE B 325 14.86 1.15 0.84
C ILE B 325 15.14 -0.26 0.36
N LEU B 326 16.30 -0.82 0.70
CA LEU B 326 16.56 -2.22 0.33
C LEU B 326 15.56 -3.15 1.01
N TYR B 327 15.25 -2.89 2.29
CA TYR B 327 14.26 -3.71 2.97
C TYR B 327 12.89 -3.57 2.35
N LEU B 328 12.52 -2.35 1.94
CA LEU B 328 11.19 -2.13 1.37
C LEU B 328 11.06 -2.60 -0.08
N GLN B 329 12.19 -2.77 -0.79
CA GLN B 329 12.13 -3.26 -2.16
C GLN B 329 12.31 -4.77 -2.23
N VAL B 330 13.13 -5.36 -1.36
CA VAL B 330 13.17 -6.81 -1.23
C VAL B 330 11.81 -7.31 -0.77
N ASP B 331 11.13 -6.53 0.06
CA ASP B 331 9.74 -6.79 0.40
C ASP B 331 8.86 -6.64 -0.84
N ASN B 332 7.58 -7.00 -0.72
CA ASN B 332 6.59 -6.96 -1.79
C ASN B 332 6.82 -8.08 -2.80
N VAL B 333 7.94 -8.79 -2.67
CA VAL B 333 8.18 -10.01 -3.43
C VAL B 333 8.71 -11.09 -2.49
N PHE B 334 8.63 -10.83 -1.19
CA PHE B 334 9.05 -11.82 -0.21
C PHE B 334 7.89 -12.69 0.26
N GLY B 335 6.70 -12.09 0.44
CA GLY B 335 5.52 -12.89 0.72
C GLY B 335 5.23 -13.90 -0.36
N LEU B 336 5.45 -13.51 -1.62
CA LEU B 336 5.32 -14.45 -2.73
C LEU B 336 6.52 -15.38 -2.82
N PHE B 337 7.70 -14.91 -2.41
CA PHE B 337 8.88 -15.78 -2.44
C PHE B 337 8.69 -16.97 -1.50
N LEU B 338 8.11 -16.74 -0.32
CA LEU B 338 7.86 -17.84 0.59
C LEU B 338 6.83 -18.82 0.04
N LEU B 339 5.94 -18.35 -0.83
CA LEU B 339 4.86 -19.19 -1.36
C LEU B 339 5.18 -19.82 -2.71
N PHE B 340 6.32 -19.48 -3.32
CA PHE B 340 6.67 -20.03 -4.63
C PHE B 340 6.58 -21.56 -4.70
N PRO B 341 7.15 -22.33 -3.77
CA PRO B 341 6.98 -23.79 -3.86
C PRO B 341 5.53 -24.24 -3.73
N SER B 342 4.72 -23.53 -2.95
CA SER B 342 3.31 -23.87 -2.84
C SER B 342 2.58 -23.54 -4.14
N ILE B 343 2.93 -22.43 -4.78
CA ILE B 343 2.34 -22.10 -6.08
C ILE B 343 2.68 -23.18 -7.10
N VAL B 344 3.95 -23.59 -7.13
CA VAL B 344 4.38 -24.61 -8.08
C VAL B 344 3.67 -25.93 -7.82
N ALA B 345 3.62 -26.36 -6.56
CA ALA B 345 3.05 -27.65 -6.20
C ALA B 345 1.53 -27.62 -6.09
N GLY B 346 0.90 -26.47 -6.23
CA GLY B 346 -0.54 -26.37 -6.19
C GLY B 346 -1.16 -26.71 -4.85
N THR B 347 -0.54 -26.28 -3.75
CA THR B 347 -1.12 -26.51 -2.43
C THR B 347 -2.03 -25.37 -2.00
N ILE B 348 -1.77 -24.15 -2.44
CA ILE B 348 -2.62 -23.01 -2.13
C ILE B 348 -3.30 -22.53 -3.40
N THR B 349 -4.42 -21.84 -3.22
CA THR B 349 -5.15 -21.23 -4.31
C THR B 349 -4.77 -19.77 -4.41
N LEU B 350 -5.48 -19.02 -5.26
CA LEU B 350 -5.23 -17.59 -5.37
C LEU B 350 -5.68 -16.86 -4.11
N GLY B 351 -6.79 -17.31 -3.52
CA GLY B 351 -7.30 -16.65 -2.33
C GLY B 351 -6.38 -16.80 -1.13
N LEU B 352 -5.85 -18.00 -0.92
CA LEU B 352 -4.93 -18.21 0.20
C LEU B 352 -3.65 -17.42 0.00
N MET B 353 -3.14 -17.38 -1.23
CA MET B 353 -1.93 -16.61 -1.51
C MET B 353 -2.15 -15.13 -1.24
N THR B 354 -3.29 -14.60 -1.68
CA THR B 354 -3.58 -13.18 -1.44
C THR B 354 -3.79 -12.90 0.04
N GLN B 355 -4.44 -13.81 0.75
CA GLN B 355 -4.63 -13.63 2.19
C GLN B 355 -3.31 -13.61 2.93
N ILE B 356 -2.40 -14.53 2.58
CA ILE B 356 -1.09 -14.57 3.23
C ILE B 356 -0.31 -13.29 2.93
N THR B 357 -0.32 -12.86 1.66
CA THR B 357 0.37 -11.63 1.30
C THR B 357 -0.20 -10.43 2.05
N ASN B 358 -1.53 -10.39 2.21
CA ASN B 358 -2.16 -9.30 2.94
C ASN B 358 -1.77 -9.32 4.42
N VAL B 359 -1.70 -10.51 5.02
CA VAL B 359 -1.27 -10.62 6.42
C VAL B 359 0.15 -10.07 6.58
N PHE B 360 1.05 -10.50 5.68
CA PHE B 360 2.42 -10.00 5.73
C PHE B 360 2.46 -8.48 5.58
N GLY B 361 1.70 -7.96 4.61
CA GLY B 361 1.72 -6.53 4.37
C GLY B 361 1.19 -5.72 5.55
N GLN B 362 0.12 -6.22 6.19
CA GLN B 362 -0.45 -5.49 7.31
C GLN B 362 0.48 -5.51 8.52
N VAL B 363 1.12 -6.65 8.79
CA VAL B 363 2.10 -6.69 9.89
C VAL B 363 3.26 -5.73 9.61
N ARG B 364 3.75 -5.73 8.36
CA ARG B 364 4.84 -4.83 8.00
C ARG B 364 4.41 -3.38 8.13
N GLY B 365 3.19 -3.05 7.71
CA GLY B 365 2.71 -1.69 7.85
C GLY B 365 2.59 -1.26 9.31
N ALA B 366 2.19 -2.18 10.18
CA ALA B 366 2.16 -1.89 11.60
C ALA B 366 3.56 -1.56 12.11
N PHE B 367 4.55 -2.36 11.73
CA PHE B 367 5.92 -2.07 12.17
C PHE B 367 6.43 -0.75 11.59
N GLN B 368 6.09 -0.43 10.35
CA GLN B 368 6.52 0.84 9.76
C GLN B 368 5.87 2.02 10.47
N TYR B 369 4.59 1.90 10.84
CA TYR B 369 3.96 2.97 11.59
C TYR B 369 4.60 3.13 12.97
N LEU B 370 4.98 2.01 13.59
CA LEU B 370 5.71 2.08 14.86
C LEU B 370 7.04 2.79 14.70
N ILE B 371 7.77 2.51 13.62
CA ILE B 371 9.05 3.19 13.42
C ILE B 371 8.81 4.67 13.08
N ASN B 372 7.67 4.99 12.45
CA ASN B 372 7.32 6.38 12.22
C ASN B 372 7.13 7.12 13.54
N SER B 373 6.51 6.45 14.52
CA SER B 373 6.44 7.02 15.86
C SER B 373 7.84 7.17 16.47
N TRP B 374 8.67 6.15 16.33
CA TRP B 374 10.04 6.23 16.85
C TRP B 374 10.81 7.40 16.23
N THR B 375 10.41 7.82 15.03
CA THR B 375 11.06 8.98 14.41
C THR B 375 10.88 10.24 15.25
N THR B 376 9.67 10.49 15.74
CA THR B 376 9.39 11.67 16.56
C THR B 376 9.54 11.38 18.06
N LEU B 377 10.00 10.19 18.41
CA LEU B 377 10.37 9.92 19.80
C LEU B 377 11.33 10.97 20.35
N VAL B 378 12.28 11.43 19.54
CA VAL B 378 13.22 12.45 19.99
C VAL B 378 12.49 13.72 20.37
N GLU B 379 11.57 14.17 19.52
CA GLU B 379 10.82 15.38 19.80
C GLU B 379 9.97 15.23 21.06
N LEU B 380 9.33 14.07 21.24
CA LEU B 380 8.51 13.89 22.43
C LEU B 380 9.37 13.90 23.69
N MET B 381 10.54 13.26 23.63
CA MET B 381 11.44 13.27 24.79
C MET B 381 11.90 14.69 25.11
N SER B 382 12.20 15.48 24.07
CA SER B 382 12.59 16.87 24.30
C SER B 382 11.47 17.65 24.97
N ILE B 383 10.23 17.46 24.50
CA ILE B 383 9.10 18.18 25.09
C ILE B 383 8.89 17.77 26.54
N TYR B 384 8.99 16.47 26.83
CA TYR B 384 8.81 16.01 28.19
C TYR B 384 9.90 16.54 29.11
N LYS B 385 11.15 16.55 28.65
CA LYS B 385 12.22 17.07 29.50
C LYS B 385 12.04 18.57 29.73
N ARG B 386 11.58 19.30 28.71
CA ARG B 386 11.31 20.72 28.89
C ARG B 386 10.21 20.94 29.92
N LEU B 387 9.13 20.16 29.84
CA LEU B 387 8.04 20.31 30.80
C LEU B 387 8.48 19.94 32.22
N ARG B 388 9.28 18.88 32.35
CA ARG B 388 9.75 18.47 33.67
C ARG B 388 10.66 19.53 34.29
N SER B 389 11.58 20.09 33.50
CA SER B 389 12.42 21.17 34.01
C SER B 389 11.59 22.40 34.35
N PHE B 390 10.58 22.69 33.53
CA PHE B 390 9.72 23.85 33.76
C PHE B 390 8.95 23.72 35.08
N GLU B 391 8.42 22.53 35.35
CA GLU B 391 7.66 22.31 36.57
C GLU B 391 8.55 22.07 37.79
N HIS B 392 9.83 21.75 37.58
CA HIS B 392 10.68 21.30 38.67
C HIS B 392 10.85 22.37 39.76
N GLU B 393 11.10 23.62 39.37
CA GLU B 393 11.34 24.66 40.37
C GLU B 393 10.10 24.94 41.19
N LEU B 394 8.92 24.91 40.56
CA LEU B 394 7.68 25.16 41.30
C LEU B 394 7.45 24.10 42.37
N ASP B 395 7.72 22.84 42.04
CA ASP B 395 7.56 21.75 43.00
C ASP B 395 8.61 21.83 44.11
N GLN C 7 15.49 -42.96 -11.42
CA GLN C 7 16.08 -43.66 -10.28
C GLN C 7 15.00 -44.18 -9.34
N VAL C 8 14.40 -43.27 -8.57
CA VAL C 8 13.35 -43.65 -7.63
C VAL C 8 12.08 -43.96 -8.40
N GLN C 9 11.52 -45.14 -8.16
CA GLN C 9 10.27 -45.56 -8.76
C GLN C 9 9.25 -45.81 -7.66
N LEU C 10 8.05 -45.25 -7.85
CA LEU C 10 6.98 -45.36 -6.86
C LEU C 10 5.92 -46.31 -7.39
N VAL C 11 5.71 -47.41 -6.68
CA VAL C 11 4.66 -48.37 -6.98
C VAL C 11 3.56 -48.20 -5.94
N GLU C 12 2.34 -47.98 -6.40
CA GLU C 12 1.21 -47.69 -5.54
C GLU C 12 0.24 -48.86 -5.55
N SER C 13 0.08 -49.51 -4.39
CA SER C 13 -0.85 -50.60 -4.23
C SER C 13 -2.19 -50.07 -3.73
N GLY C 14 -3.08 -50.97 -3.29
CA GLY C 14 -4.35 -50.57 -2.75
C GLY C 14 -5.32 -50.04 -3.79
N GLY C 15 -5.81 -50.92 -4.66
CA GLY C 15 -6.77 -50.53 -5.66
C GLY C 15 -8.10 -50.12 -5.06
N GLY C 16 -8.94 -49.51 -5.90
CA GLY C 16 -10.21 -48.98 -5.44
C GLY C 16 -11.38 -49.91 -5.68
N LEU C 17 -12.40 -49.40 -6.38
CA LEU C 17 -13.64 -50.11 -6.63
C LEU C 17 -14.30 -50.53 -5.31
N VAL C 18 -14.56 -49.53 -4.47
CA VAL C 18 -15.13 -49.73 -3.15
C VAL C 18 -16.43 -48.94 -3.04
N GLN C 19 -17.31 -49.40 -2.16
CA GLN C 19 -18.60 -48.75 -1.96
C GLN C 19 -18.42 -47.45 -1.17
N ALA C 20 -19.38 -46.54 -1.36
CA ALA C 20 -19.31 -45.23 -0.73
C ALA C 20 -19.43 -45.34 0.78
N GLY C 21 -18.89 -44.35 1.47
CA GLY C 21 -18.90 -44.33 2.93
C GLY C 21 -18.06 -45.42 3.56
N GLY C 22 -16.88 -45.68 3.01
CA GLY C 22 -15.98 -46.70 3.56
C GLY C 22 -14.59 -46.16 3.84
N SER C 23 -13.64 -47.07 4.06
CA SER C 23 -12.26 -46.70 4.34
C SER C 23 -11.34 -47.47 3.41
N LEU C 24 -10.21 -46.87 3.05
CA LEU C 24 -9.27 -47.52 2.15
C LEU C 24 -7.85 -47.02 2.42
N ARG C 25 -6.88 -47.91 2.31
CA ARG C 25 -5.49 -47.58 2.55
C ARG C 25 -4.73 -47.60 1.23
N LEU C 26 -3.98 -46.54 0.96
CA LEU C 26 -3.15 -46.43 -0.23
C LEU C 26 -1.68 -46.40 0.16
N SER C 27 -0.84 -47.02 -0.66
CA SER C 27 0.59 -47.12 -0.41
C SER C 27 1.37 -46.50 -1.58
N CYS C 28 2.61 -46.11 -1.29
CA CYS C 28 3.51 -45.52 -2.27
C CYS C 28 4.90 -46.13 -2.14
N ALA C 29 4.98 -47.46 -2.17
CA ALA C 29 6.25 -48.15 -2.00
C ALA C 29 7.29 -47.63 -2.98
N ALA C 30 8.35 -47.02 -2.44
CA ALA C 30 9.39 -46.40 -3.23
C ALA C 30 10.61 -47.30 -3.29
N SER C 31 11.22 -47.38 -4.47
CA SER C 31 12.40 -48.19 -4.69
C SER C 31 13.48 -47.36 -5.37
N GLY C 32 14.72 -47.57 -4.95
CA GLY C 32 15.84 -46.85 -5.52
C GLY C 32 16.60 -46.00 -4.51
N PHE C 33 16.78 -44.72 -4.83
CA PHE C 33 17.48 -43.82 -3.93
C PHE C 33 16.67 -43.64 -2.64
N PRO C 34 17.33 -43.55 -1.48
CA PRO C 34 16.59 -43.35 -0.23
C PRO C 34 15.81 -42.05 -0.23
N VAL C 35 14.66 -42.08 0.44
CA VAL C 35 13.76 -40.93 0.50
C VAL C 35 13.47 -40.57 1.95
N ILE C 36 14.41 -40.90 2.85
CA ILE C 36 14.20 -40.63 4.27
C ILE C 36 14.17 -39.14 4.55
N ALA C 37 14.83 -38.33 3.71
CA ALA C 37 14.99 -36.90 3.95
C ALA C 37 14.23 -36.07 2.91
N ASN C 38 13.00 -36.46 2.61
CA ASN C 38 12.20 -35.76 1.61
C ASN C 38 10.74 -35.70 2.05
N VAL C 39 10.03 -34.72 1.50
CA VAL C 39 8.61 -34.52 1.77
C VAL C 39 7.83 -35.15 0.63
N MET C 40 6.91 -36.05 0.95
CA MET C 40 6.16 -36.79 -0.05
C MET C 40 4.75 -36.23 -0.17
N TYR C 41 4.30 -36.02 -1.41
CA TYR C 41 2.98 -35.49 -1.68
C TYR C 41 2.07 -36.57 -2.25
N TRP C 42 0.79 -36.46 -1.94
CA TRP C 42 -0.26 -37.29 -2.54
C TRP C 42 -1.20 -36.37 -3.28
N TYR C 43 -1.32 -36.56 -4.59
CA TYR C 43 -2.21 -35.80 -5.45
C TYR C 43 -3.35 -36.70 -5.93
N ARG C 44 -4.38 -36.08 -6.48
CA ARG C 44 -5.45 -36.82 -7.12
C ARG C 44 -5.90 -36.08 -8.38
N GLN C 45 -6.37 -36.84 -9.36
CA GLN C 45 -6.86 -36.30 -10.62
C GLN C 45 -8.28 -36.79 -10.82
N ALA C 46 -9.23 -35.85 -10.82
CA ALA C 46 -10.62 -36.19 -11.05
C ALA C 46 -10.84 -36.54 -12.52
N PRO C 47 -11.88 -37.31 -12.82
CA PRO C 47 -12.16 -37.66 -14.23
C PRO C 47 -12.48 -36.42 -15.03
N GLY C 48 -11.66 -36.16 -16.05
CA GLY C 48 -11.83 -34.98 -16.88
C GLY C 48 -11.61 -33.67 -16.16
N LYS C 49 -10.67 -33.64 -15.21
CA LYS C 49 -10.33 -32.42 -14.49
C LYS C 49 -8.82 -32.38 -14.28
N GLU C 50 -8.36 -31.33 -13.62
CA GLU C 50 -6.94 -31.15 -13.35
C GLU C 50 -6.54 -31.84 -12.06
N ARG C 51 -5.24 -32.11 -11.94
CA ARG C 51 -4.72 -32.75 -10.72
C ARG C 51 -4.89 -31.81 -9.53
N GLU C 52 -5.18 -32.40 -8.38
CA GLU C 52 -5.42 -31.64 -7.16
C GLU C 52 -4.50 -32.14 -6.06
N TRP C 53 -4.05 -31.22 -5.21
CA TRP C 53 -3.30 -31.60 -4.02
C TRP C 53 -4.24 -32.24 -3.00
N VAL C 54 -3.77 -33.33 -2.39
CA VAL C 54 -4.54 -34.06 -1.39
C VAL C 54 -3.84 -34.05 -0.03
N ALA C 55 -2.57 -34.40 0.00
CA ALA C 55 -1.86 -34.44 1.28
C ALA C 55 -0.36 -34.28 1.06
N ALA C 56 0.34 -33.98 2.16
CA ALA C 56 1.79 -33.87 2.15
C ALA C 56 2.31 -34.33 3.50
N ILE C 57 3.48 -34.98 3.49
CA ILE C 57 4.06 -35.55 4.70
C ILE C 57 5.54 -35.22 4.74
N ASP C 58 6.03 -34.89 5.94
CA ASP C 58 7.41 -34.50 6.17
C ASP C 58 8.31 -35.73 6.20
N SER C 59 9.60 -35.50 6.45
CA SER C 59 10.57 -36.59 6.51
C SER C 59 10.39 -37.43 7.77
N SER C 60 10.21 -36.77 8.92
CA SER C 60 10.05 -37.49 10.17
C SER C 60 8.68 -38.13 10.30
N GLY C 61 7.70 -37.68 9.53
CA GLY C 61 6.35 -38.17 9.65
C GLY C 61 5.54 -37.52 10.75
N GLU C 62 6.13 -36.57 11.50
CA GLU C 62 5.39 -35.94 12.59
C GLU C 62 4.38 -34.93 12.06
N TYR C 63 4.74 -34.19 11.02
CA TYR C 63 3.92 -33.10 10.50
C TYR C 63 3.25 -33.53 9.21
N ALA C 64 1.93 -33.47 9.17
CA ALA C 64 1.14 -33.84 8.01
C ALA C 64 0.24 -32.67 7.63
N TYR C 65 0.17 -32.37 6.33
CA TYR C 65 -0.62 -31.27 5.82
C TYR C 65 -1.68 -31.82 4.88
N TYR C 66 -2.90 -31.30 4.98
CA TYR C 66 -4.03 -31.81 4.22
C TYR C 66 -4.70 -30.68 3.44
N ALA C 67 -5.28 -31.05 2.30
CA ALA C 67 -6.04 -30.10 1.51
C ALA C 67 -7.28 -29.64 2.26
N ASP C 68 -7.71 -28.41 1.97
CA ASP C 68 -8.83 -27.82 2.69
C ASP C 68 -10.13 -28.60 2.50
N SER C 69 -10.21 -29.42 1.45
CA SER C 69 -11.42 -30.20 1.18
C SER C 69 -11.36 -31.61 1.75
N VAL C 70 -10.22 -32.04 2.28
CA VAL C 70 -10.09 -33.40 2.80
C VAL C 70 -9.52 -33.37 4.22
N LYS C 71 -9.53 -32.19 4.85
CA LYS C 71 -9.05 -32.08 6.22
C LYS C 71 -10.01 -32.80 7.17
N GLY C 72 -9.45 -33.61 8.06
CA GLY C 72 -10.23 -34.34 9.04
C GLY C 72 -10.79 -35.66 8.55
N ARG C 73 -10.63 -35.98 7.28
CA ARG C 73 -11.09 -37.26 6.73
C ARG C 73 -9.96 -38.15 6.26
N PHE C 74 -8.98 -37.59 5.55
CA PHE C 74 -7.80 -38.33 5.15
C PHE C 74 -6.73 -38.23 6.23
N THR C 75 -5.93 -39.29 6.35
CA THR C 75 -4.84 -39.31 7.32
C THR C 75 -3.60 -39.88 6.62
N ILE C 76 -2.58 -39.05 6.45
CA ILE C 76 -1.36 -39.47 5.79
C ILE C 76 -0.30 -39.76 6.85
N SER C 77 0.35 -40.92 6.73
CA SER C 77 1.38 -41.34 7.64
C SER C 77 2.58 -41.82 6.84
N ARG C 78 3.72 -41.92 7.51
CA ARG C 78 4.96 -42.30 6.86
C ARG C 78 5.63 -43.43 7.62
N ASP C 79 6.26 -44.35 6.89
CA ASP C 79 7.04 -45.43 7.47
C ASP C 79 8.40 -45.46 6.78
N ASN C 80 9.42 -44.98 7.48
CA ASN C 80 10.79 -44.97 6.94
C ASN C 80 11.54 -46.23 7.34
N ALA C 81 10.92 -47.38 7.12
CA ALA C 81 11.53 -48.69 7.24
C ALA C 81 11.32 -49.51 5.97
N LYS C 82 10.16 -49.40 5.34
CA LYS C 82 9.93 -49.89 3.99
C LYS C 82 9.98 -48.77 2.97
N ASN C 83 10.36 -47.57 3.39
CA ASN C 83 10.40 -46.38 2.53
C ASN C 83 9.04 -46.14 1.87
N THR C 84 8.02 -46.00 2.71
CA THR C 84 6.66 -45.93 2.24
C THR C 84 5.92 -44.76 2.88
N VAL C 85 4.92 -44.25 2.16
CA VAL C 85 3.95 -43.30 2.70
C VAL C 85 2.56 -43.87 2.45
N TYR C 86 1.74 -43.87 3.50
CA TYR C 86 0.41 -44.45 3.45
C TYR C 86 -0.64 -43.36 3.62
N LEU C 87 -1.76 -43.53 2.92
CA LEU C 87 -2.90 -42.62 3.02
C LEU C 87 -4.12 -43.43 3.43
N GLN C 88 -4.62 -43.18 4.64
CA GLN C 88 -5.84 -43.82 5.12
C GLN C 88 -7.02 -42.90 4.84
N MET C 89 -8.06 -43.45 4.21
CA MET C 89 -9.22 -42.69 3.78
C MET C 89 -10.43 -43.17 4.56
N ASN C 90 -10.99 -42.27 5.38
CA ASN C 90 -12.21 -42.53 6.14
C ASN C 90 -13.42 -42.39 5.23
N SER C 91 -14.61 -42.27 5.80
CA SER C 91 -15.87 -42.22 5.06
C SER C 91 -15.74 -41.38 3.80
N LEU C 92 -16.02 -42.00 2.66
CA LEU C 92 -15.72 -41.43 1.35
C LEU C 92 -17.00 -40.93 0.69
N LYS C 93 -17.00 -39.67 0.31
CA LYS C 93 -18.07 -39.12 -0.50
C LYS C 93 -17.89 -39.56 -1.95
N PRO C 94 -18.97 -39.52 -2.75
CA PRO C 94 -18.82 -39.82 -4.18
C PRO C 94 -17.91 -38.84 -4.90
N GLU C 95 -17.65 -37.67 -4.32
CA GLU C 95 -16.72 -36.71 -4.92
C GLU C 95 -15.31 -37.26 -4.96
N ASP C 96 -14.95 -38.13 -4.02
CA ASP C 96 -13.60 -38.71 -3.98
C ASP C 96 -13.51 -39.91 -4.91
N THR C 97 -13.89 -39.73 -6.17
CA THR C 97 -13.77 -40.77 -7.20
C THR C 97 -12.80 -40.24 -8.24
N ALA C 98 -11.52 -40.52 -8.04
CA ALA C 98 -10.46 -39.95 -8.87
C ALA C 98 -9.38 -41.01 -9.06
N VAL C 99 -8.23 -40.57 -9.58
CA VAL C 99 -7.04 -41.41 -9.70
C VAL C 99 -5.96 -40.77 -8.84
N TYR C 100 -5.42 -41.54 -7.90
CA TYR C 100 -4.51 -41.01 -6.89
C TYR C 100 -3.06 -41.24 -7.32
N TYR C 101 -2.26 -40.18 -7.28
CA TYR C 101 -0.86 -40.21 -7.65
C TYR C 101 0.01 -39.87 -6.44
N CYS C 102 1.23 -40.39 -6.44
CA CYS C 102 2.21 -40.13 -5.40
C CYS C 102 3.39 -39.41 -6.02
N TYR C 103 3.83 -38.32 -5.39
CA TYR C 103 4.86 -37.45 -5.93
C TYR C 103 5.98 -37.27 -4.93
N VAL C 104 7.21 -37.31 -5.43
CA VAL C 104 8.38 -37.03 -4.60
C VAL C 104 9.47 -36.44 -5.49
N LYS C 105 10.15 -35.41 -4.99
CA LYS C 105 11.18 -34.72 -5.76
C LYS C 105 12.55 -35.12 -5.21
N VAL C 106 13.32 -35.86 -6.00
CA VAL C 106 14.68 -36.25 -5.65
C VAL C 106 15.56 -35.82 -6.82
N GLY C 107 16.07 -34.59 -6.76
CA GLY C 107 16.73 -34.00 -7.91
C GLY C 107 15.72 -33.55 -8.95
N SER C 108 15.02 -34.51 -9.54
CA SER C 108 13.92 -34.26 -10.46
C SER C 108 12.62 -34.76 -9.85
N HIS C 109 11.52 -34.44 -10.51
CA HIS C 109 10.20 -34.89 -10.06
C HIS C 109 10.05 -36.39 -10.28
N TYR C 110 9.24 -37.02 -9.44
CA TYR C 110 8.95 -38.45 -9.56
C TYR C 110 7.46 -38.63 -9.30
N TRP C 111 6.73 -39.05 -10.33
CA TRP C 111 5.31 -39.34 -10.26
C TRP C 111 5.10 -40.84 -10.33
N GLY C 112 4.32 -41.38 -9.40
CA GLY C 112 3.98 -42.78 -9.45
C GLY C 112 2.83 -43.05 -10.39
N GLN C 113 2.65 -44.34 -10.72
CA GLN C 113 1.52 -44.74 -11.54
C GLN C 113 0.23 -44.58 -10.75
N GLY C 114 -0.80 -44.08 -11.42
CA GLY C 114 -2.06 -43.83 -10.76
C GLY C 114 -2.79 -45.11 -10.40
N THR C 115 -3.67 -44.99 -9.40
CA THR C 115 -4.50 -46.10 -8.95
C THR C 115 -5.95 -45.64 -8.90
N GLN C 116 -6.83 -46.42 -9.52
CA GLN C 116 -8.25 -46.11 -9.47
C GLN C 116 -8.79 -46.30 -8.05
N VAL C 117 -9.64 -45.38 -7.62
CA VAL C 117 -10.24 -45.44 -6.29
C VAL C 117 -11.75 -45.32 -6.43
N THR C 118 -12.26 -45.75 -7.59
CA THR C 118 -13.67 -45.59 -7.97
C THR C 118 -14.62 -45.87 -6.82
N VAL C 119 -15.45 -44.88 -6.50
CA VAL C 119 -16.42 -44.96 -5.43
C VAL C 119 -17.80 -44.74 -6.02
N SER C 120 -18.72 -45.67 -5.78
CA SER C 120 -20.07 -45.61 -6.29
C SER C 120 -21.04 -45.33 -5.13
N ALA C 121 -21.90 -44.34 -5.32
CA ALA C 121 -22.87 -43.97 -4.30
C ALA C 121 -23.95 -45.04 -4.15
N VAL D 8 -32.67 -14.77 -29.10
CA VAL D 8 -31.63 -14.67 -30.10
C VAL D 8 -30.96 -16.02 -30.29
N GLN D 9 -30.97 -16.54 -31.51
CA GLN D 9 -30.32 -17.80 -31.85
C GLN D 9 -29.19 -17.49 -32.83
N LEU D 10 -27.95 -17.61 -32.36
CA LEU D 10 -26.80 -17.31 -33.19
C LEU D 10 -26.44 -18.51 -34.04
N VAL D 11 -26.57 -18.38 -35.36
CA VAL D 11 -26.23 -19.42 -36.31
C VAL D 11 -24.94 -19.01 -37.01
N GLU D 12 -23.89 -19.79 -36.80
CA GLU D 12 -22.57 -19.49 -37.36
C GLU D 12 -22.29 -20.46 -38.49
N SER D 13 -22.03 -19.93 -39.68
CA SER D 13 -21.72 -20.72 -40.87
C SER D 13 -20.50 -20.11 -41.55
N GLY D 14 -19.32 -20.52 -41.12
CA GLY D 14 -18.09 -20.11 -41.75
C GLY D 14 -17.03 -21.19 -41.71
N GLY D 15 -17.42 -22.38 -41.27
CA GLY D 15 -16.47 -23.45 -41.05
C GLY D 15 -15.95 -24.06 -42.34
N GLY D 16 -14.87 -24.79 -42.20
CA GLY D 16 -14.26 -25.46 -43.33
C GLY D 16 -12.83 -25.84 -43.01
N LEU D 17 -12.20 -26.48 -43.99
CA LEU D 17 -10.81 -26.89 -43.90
C LEU D 17 -9.95 -25.95 -44.73
N VAL D 18 -8.99 -25.30 -44.09
CA VAL D 18 -8.13 -24.33 -44.75
C VAL D 18 -6.67 -24.69 -44.45
N GLN D 19 -5.84 -24.70 -45.48
CA GLN D 19 -4.43 -25.00 -45.29
C GLN D 19 -3.73 -23.84 -44.56
N ALA D 20 -2.51 -24.11 -44.11
CA ALA D 20 -1.76 -23.10 -43.37
C ALA D 20 -1.45 -21.90 -44.25
N GLY D 21 -1.42 -20.73 -43.62
CA GLY D 21 -1.19 -19.49 -44.34
C GLY D 21 -2.29 -19.12 -45.30
N GLY D 22 -3.54 -19.30 -44.89
CA GLY D 22 -4.67 -18.96 -45.74
C GLY D 22 -5.58 -17.91 -45.14
N SER D 23 -6.80 -17.78 -45.66
CA SER D 23 -7.76 -16.82 -45.15
C SER D 23 -9.13 -17.47 -45.07
N LEU D 24 -9.95 -16.95 -44.17
CA LEU D 24 -11.31 -17.46 -44.00
C LEU D 24 -12.18 -16.34 -43.43
N ARG D 25 -13.49 -16.48 -43.61
CA ARG D 25 -14.47 -15.54 -43.08
C ARG D 25 -15.53 -16.32 -42.33
N LEU D 26 -15.85 -15.87 -41.12
CA LEU D 26 -16.86 -16.49 -40.28
C LEU D 26 -17.98 -15.52 -40.01
N SER D 27 -19.20 -16.04 -39.90
CA SER D 27 -20.40 -15.24 -39.72
C SER D 27 -21.15 -15.69 -38.48
N CYS D 28 -21.98 -14.80 -37.95
CA CYS D 28 -22.79 -15.06 -36.76
C CYS D 28 -24.21 -14.55 -36.99
N ALA D 29 -24.82 -14.96 -38.11
CA ALA D 29 -26.15 -14.48 -38.46
C ALA D 29 -27.16 -14.76 -37.36
N ALA D 30 -27.66 -13.71 -36.71
CA ALA D 30 -28.66 -13.85 -35.67
C ALA D 30 -30.05 -13.96 -36.28
N SER D 31 -30.99 -14.48 -35.48
CA SER D 31 -32.35 -14.70 -35.93
C SER D 31 -33.43 -14.20 -34.97
N GLY D 32 -33.13 -14.03 -33.69
CA GLY D 32 -34.14 -13.66 -32.73
C GLY D 32 -34.27 -12.15 -32.52
N PHE D 33 -34.10 -11.73 -31.27
CA PHE D 33 -34.21 -10.31 -30.96
C PHE D 33 -33.11 -9.53 -31.68
N PRO D 34 -33.42 -8.36 -32.24
CA PRO D 34 -32.40 -7.59 -32.98
C PRO D 34 -31.31 -7.11 -32.05
N VAL D 35 -30.06 -7.42 -32.41
CA VAL D 35 -28.91 -7.02 -31.61
C VAL D 35 -28.17 -5.87 -32.29
N ILE D 36 -28.53 -4.64 -31.93
CA ILE D 36 -27.85 -3.46 -32.46
C ILE D 36 -27.18 -2.75 -31.29
N ALA D 37 -27.76 -2.87 -30.10
CA ALA D 37 -27.23 -2.24 -28.89
C ALA D 37 -26.45 -3.23 -28.03
N ASN D 38 -25.74 -4.17 -28.64
CA ASN D 38 -25.00 -5.19 -27.92
C ASN D 38 -23.60 -5.32 -28.48
N VAL D 39 -22.68 -5.78 -27.64
CA VAL D 39 -21.29 -6.01 -28.00
C VAL D 39 -21.16 -7.50 -28.32
N MET D 40 -20.80 -7.81 -29.57
CA MET D 40 -20.71 -9.20 -30.01
C MET D 40 -19.34 -9.75 -29.70
N TYR D 41 -19.30 -10.96 -29.13
CA TYR D 41 -18.05 -11.60 -28.75
C TYR D 41 -17.78 -12.80 -29.65
N TRP D 42 -16.51 -13.02 -29.98
CA TRP D 42 -16.07 -14.20 -30.71
C TRP D 42 -15.05 -14.93 -29.87
N TYR D 43 -15.39 -16.15 -29.45
CA TYR D 43 -14.53 -17.02 -28.67
C TYR D 43 -14.07 -18.19 -29.52
N ARG D 44 -13.05 -18.89 -29.04
CA ARG D 44 -12.63 -20.14 -29.65
C ARG D 44 -12.27 -21.14 -28.58
N GLN D 45 -12.45 -22.43 -28.90
CA GLN D 45 -12.11 -23.53 -28.01
C GLN D 45 -11.13 -24.43 -28.73
N ALA D 46 -9.91 -24.50 -28.20
CA ALA D 46 -8.87 -25.36 -28.78
C ALA D 46 -9.21 -26.82 -28.52
N PRO D 47 -8.70 -27.73 -29.37
CA PRO D 47 -8.96 -29.15 -29.14
C PRO D 47 -8.39 -29.61 -27.81
N GLY D 48 -9.26 -30.03 -26.91
CA GLY D 48 -8.86 -30.48 -25.59
C GLY D 48 -8.29 -29.39 -24.71
N LYS D 49 -8.84 -28.18 -24.79
CA LYS D 49 -8.41 -27.06 -23.95
C LYS D 49 -9.65 -26.27 -23.55
N GLU D 50 -9.42 -25.11 -22.93
CA GLU D 50 -10.49 -24.24 -22.47
C GLU D 50 -10.81 -23.19 -23.52
N ARG D 51 -12.02 -22.65 -23.44
CA ARG D 51 -12.44 -21.60 -24.35
C ARG D 51 -11.60 -20.35 -24.14
N GLU D 52 -11.29 -19.66 -25.24
CA GLU D 52 -10.46 -18.47 -25.21
C GLU D 52 -11.19 -17.32 -25.90
N TRP D 53 -10.92 -16.11 -25.43
CA TRP D 53 -11.42 -14.91 -26.08
C TRP D 53 -10.61 -14.62 -27.33
N VAL D 54 -11.30 -14.30 -28.42
CA VAL D 54 -10.66 -13.99 -29.70
C VAL D 54 -10.89 -12.55 -30.11
N ALA D 55 -12.15 -12.10 -30.07
CA ALA D 55 -12.45 -10.74 -30.52
C ALA D 55 -13.73 -10.25 -29.88
N ALA D 56 -13.93 -8.93 -29.94
CA ALA D 56 -15.15 -8.29 -29.48
C ALA D 56 -15.40 -7.05 -30.32
N ILE D 57 -16.68 -6.75 -30.56
CA ILE D 57 -17.05 -5.61 -31.39
C ILE D 57 -18.20 -4.87 -30.72
N ASP D 58 -18.14 -3.54 -30.80
CA ASP D 58 -19.07 -2.64 -30.14
C ASP D 58 -20.41 -2.66 -30.87
N SER D 59 -21.35 -1.81 -30.43
CA SER D 59 -22.64 -1.70 -31.10
C SER D 59 -22.47 -1.21 -32.53
N SER D 60 -21.60 -0.23 -32.75
CA SER D 60 -21.26 0.24 -34.09
C SER D 60 -19.91 -0.33 -34.49
N GLY D 61 -19.78 -0.70 -35.76
CA GLY D 61 -18.56 -1.33 -36.23
C GLY D 61 -17.39 -0.37 -36.29
N GLU D 62 -17.07 0.26 -35.15
CA GLU D 62 -16.00 1.23 -35.05
C GLU D 62 -14.90 0.80 -34.09
N TYR D 63 -15.26 0.29 -32.93
CA TYR D 63 -14.30 -0.09 -31.89
C TYR D 63 -14.24 -1.60 -31.83
N ALA D 64 -13.12 -2.17 -32.28
CA ALA D 64 -12.90 -3.61 -32.27
C ALA D 64 -11.75 -3.93 -31.33
N TYR D 65 -11.94 -4.94 -30.48
CA TYR D 65 -10.94 -5.37 -29.52
C TYR D 65 -10.51 -6.78 -29.85
N TYR D 66 -9.20 -7.03 -29.77
CA TYR D 66 -8.63 -8.30 -30.18
C TYR D 66 -7.81 -8.90 -29.05
N ALA D 67 -7.73 -10.21 -29.02
CA ALA D 67 -6.90 -10.90 -28.05
C ALA D 67 -5.43 -10.62 -28.32
N ASP D 68 -4.62 -10.70 -27.26
CA ASP D 68 -3.19 -10.39 -27.38
C ASP D 68 -2.45 -11.37 -28.27
N SER D 69 -3.04 -12.53 -28.56
CA SER D 69 -2.39 -13.52 -29.42
C SER D 69 -2.84 -13.44 -30.87
N VAL D 70 -3.99 -12.86 -31.15
CA VAL D 70 -4.51 -12.74 -32.51
C VAL D 70 -4.64 -11.28 -32.94
N LYS D 71 -4.00 -10.37 -32.21
CA LYS D 71 -4.08 -8.97 -32.56
C LYS D 71 -3.24 -8.69 -33.81
N GLY D 72 -3.81 -7.90 -34.72
CA GLY D 72 -3.14 -7.56 -35.95
C GLY D 72 -3.33 -8.53 -37.09
N ARG D 73 -3.94 -9.68 -36.85
CA ARG D 73 -4.23 -10.66 -37.88
C ARG D 73 -5.73 -10.83 -38.10
N PHE D 74 -6.47 -11.16 -37.05
CA PHE D 74 -7.92 -11.28 -37.17
C PHE D 74 -8.55 -9.88 -37.25
N THR D 75 -9.65 -9.79 -38.01
CA THR D 75 -10.36 -8.52 -38.17
C THR D 75 -11.85 -8.77 -37.99
N ILE D 76 -12.45 -8.12 -37.00
CA ILE D 76 -13.86 -8.29 -36.69
C ILE D 76 -14.62 -7.03 -37.09
N SER D 77 -15.75 -7.22 -37.77
CA SER D 77 -16.57 -6.12 -38.25
C SER D 77 -18.03 -6.47 -38.07
N ARG D 78 -18.89 -5.47 -38.18
CA ARG D 78 -20.33 -5.66 -38.02
C ARG D 78 -21.06 -5.30 -39.30
N ASP D 79 -22.26 -5.85 -39.45
CA ASP D 79 -23.10 -5.65 -40.63
C ASP D 79 -24.54 -5.38 -40.20
N ASN D 80 -24.74 -4.40 -39.31
CA ASN D 80 -26.03 -4.25 -38.66
C ASN D 80 -27.09 -3.74 -39.65
N ALA D 81 -27.29 -4.50 -40.72
CA ALA D 81 -28.45 -4.40 -41.59
C ALA D 81 -28.98 -5.81 -41.79
N LYS D 82 -28.08 -6.79 -41.67
CA LYS D 82 -28.43 -8.20 -41.63
C LYS D 82 -28.28 -8.80 -40.25
N ASN D 83 -27.91 -7.99 -39.24
CA ASN D 83 -27.72 -8.45 -37.87
C ASN D 83 -26.67 -9.54 -37.79
N THR D 84 -25.49 -9.26 -38.34
CA THR D 84 -24.40 -10.22 -38.36
C THR D 84 -23.10 -9.56 -37.91
N VAL D 85 -22.20 -10.37 -37.37
CA VAL D 85 -20.82 -9.97 -37.10
C VAL D 85 -19.91 -10.91 -37.87
N TYR D 86 -18.95 -10.34 -38.58
CA TYR D 86 -18.05 -11.09 -39.44
C TYR D 86 -16.65 -11.07 -38.85
N LEU D 87 -15.97 -12.21 -38.93
CA LEU D 87 -14.58 -12.34 -38.50
C LEU D 87 -13.77 -12.82 -39.68
N GLN D 88 -12.96 -11.94 -40.25
CA GLN D 88 -12.03 -12.28 -41.32
C GLN D 88 -10.69 -12.62 -40.68
N MET D 89 -10.30 -13.90 -40.77
CA MET D 89 -9.09 -14.39 -40.15
C MET D 89 -8.12 -14.85 -41.23
N ASN D 90 -6.95 -14.24 -41.27
CA ASN D 90 -5.92 -14.52 -42.28
C ASN D 90 -4.60 -14.76 -41.59
N SER D 91 -3.60 -15.17 -42.38
CA SER D 91 -2.28 -15.55 -41.85
C SER D 91 -2.42 -16.64 -40.79
N LEU D 92 -3.11 -17.72 -41.17
CA LEU D 92 -3.51 -18.75 -40.23
C LEU D 92 -2.31 -19.61 -39.85
N LYS D 93 -1.86 -19.49 -38.62
CA LYS D 93 -0.82 -20.38 -38.10
C LYS D 93 -1.41 -21.77 -37.89
N PRO D 94 -0.57 -22.81 -37.89
CA PRO D 94 -1.07 -24.16 -37.61
C PRO D 94 -1.68 -24.30 -36.23
N GLU D 95 -1.33 -23.41 -35.29
CA GLU D 95 -1.91 -23.44 -33.96
C GLU D 95 -3.29 -22.82 -33.90
N ASP D 96 -3.75 -22.18 -34.98
CA ASP D 96 -5.07 -21.56 -35.02
C ASP D 96 -6.14 -22.53 -35.55
N THR D 97 -6.17 -23.72 -34.97
CA THR D 97 -7.23 -24.69 -35.23
C THR D 97 -8.04 -24.88 -33.96
N ALA D 98 -9.36 -24.76 -34.08
CA ALA D 98 -10.23 -24.76 -32.90
C ALA D 98 -11.67 -24.90 -33.37
N VAL D 99 -12.60 -24.72 -32.44
CA VAL D 99 -14.02 -24.55 -32.73
C VAL D 99 -14.39 -23.15 -32.30
N TYR D 100 -14.88 -22.34 -33.25
CA TYR D 100 -15.16 -20.94 -33.00
C TYR D 100 -16.62 -20.75 -32.64
N TYR D 101 -16.86 -19.98 -31.57
CA TYR D 101 -18.19 -19.72 -31.06
C TYR D 101 -18.46 -18.23 -31.07
N CYS D 102 -19.74 -17.87 -31.20
CA CYS D 102 -20.20 -16.49 -31.18
C CYS D 102 -21.10 -16.31 -29.97
N TYR D 103 -20.90 -15.22 -29.23
CA TYR D 103 -21.56 -15.00 -27.96
C TYR D 103 -22.19 -13.61 -27.90
N VAL D 104 -23.39 -13.55 -27.33
CA VAL D 104 -24.06 -12.29 -27.03
C VAL D 104 -24.68 -12.39 -25.65
N LYS D 105 -25.12 -11.25 -25.14
CA LYS D 105 -25.83 -11.18 -23.85
C LYS D 105 -27.07 -10.33 -24.02
N VAL D 106 -28.22 -10.97 -24.18
CA VAL D 106 -29.50 -10.26 -24.31
C VAL D 106 -30.39 -10.81 -23.20
N GLY D 107 -30.35 -10.17 -22.03
CA GLY D 107 -30.99 -10.71 -20.85
C GLY D 107 -30.17 -11.83 -20.26
N SER D 108 -30.01 -12.91 -21.03
CA SER D 108 -29.18 -14.04 -20.67
C SER D 108 -28.07 -14.21 -21.69
N HIS D 109 -27.15 -15.12 -21.39
CA HIS D 109 -26.07 -15.45 -22.30
C HIS D 109 -26.59 -16.30 -23.45
N TYR D 110 -26.22 -15.94 -24.67
CA TYR D 110 -26.58 -16.71 -25.85
C TYR D 110 -25.29 -17.12 -26.57
N TRP D 111 -25.08 -18.43 -26.65
CA TRP D 111 -23.97 -19.02 -27.39
C TRP D 111 -24.48 -19.60 -28.70
N GLY D 112 -23.63 -19.60 -29.71
CA GLY D 112 -23.97 -20.21 -30.98
C GLY D 112 -23.25 -21.51 -31.20
N GLN D 113 -23.76 -22.35 -32.09
CA GLN D 113 -23.06 -23.59 -32.42
C GLN D 113 -21.72 -23.27 -33.08
N GLY D 114 -20.68 -23.93 -32.61
CA GLY D 114 -19.34 -23.62 -33.08
C GLY D 114 -19.09 -24.11 -34.49
N THR D 115 -18.15 -23.46 -35.15
CA THR D 115 -17.67 -23.87 -36.47
C THR D 115 -16.24 -24.38 -36.33
N GLN D 116 -15.99 -25.57 -36.87
CA GLN D 116 -14.69 -26.21 -36.73
C GLN D 116 -13.74 -25.64 -37.77
N VAL D 117 -12.77 -24.85 -37.34
CA VAL D 117 -11.73 -24.31 -38.21
C VAL D 117 -10.48 -25.15 -38.02
N THR D 118 -10.04 -25.82 -39.09
CA THR D 118 -8.90 -26.72 -39.05
C THR D 118 -7.83 -26.21 -40.01
N VAL D 119 -6.60 -26.16 -39.52
CA VAL D 119 -5.45 -25.77 -40.33
C VAL D 119 -4.38 -26.85 -40.21
N SER D 120 -3.81 -27.24 -41.36
CA SER D 120 -2.77 -28.26 -41.41
C SER D 120 -1.48 -27.64 -41.92
N ALA D 121 -0.39 -27.89 -41.22
CA ALA D 121 0.91 -27.34 -41.60
C ALA D 121 1.43 -27.99 -42.87
C43 PGT E . 14.79 25.06 -12.89
C42 PGT E . 15.60 24.31 -13.94
C41 PGT E . 14.75 23.45 -14.86
C40 PGT E . 15.50 22.94 -16.07
C39 PGT E . 14.60 22.32 -17.12
C38 PGT E . 15.27 22.17 -18.48
C37 PGT E . 14.32 21.71 -19.58
C36 PGT E . 13.76 20.31 -19.37
C35 PGT E . 13.78 19.47 -20.64
C34 PGT E . 12.99 18.18 -20.53
C33 PGT E . 13.17 17.29 -21.76
C32 PGT E . 11.94 16.44 -22.02
C31 PGT E . 12.12 15.43 -23.13
O31 PGT E . 13.16 15.25 -23.71
O2 PGT E . 11.00 14.77 -23.38
C2 PGT E . 10.60 13.71 -22.50
C1 PGT E . 10.72 12.35 -23.18
O3P PGT E . 10.72 11.28 -22.26
P PGT E . 9.66 10.04 -22.50
O1P PGT E . 8.36 10.59 -23.00
O2P PGT E . 9.63 9.12 -21.31
O4P PGT E . 10.50 9.39 -23.75
C4 PGT E . 11.86 9.04 -23.57
C5 PGT E . 11.97 7.67 -22.92
O5 PGT E . 13.25 7.11 -23.08
C6 PGT E . 10.88 6.76 -23.43
O6 PGT E . 11.04 5.48 -22.85
C3 PGT E . 9.22 14.02 -22.00
O3 PGT E . 9.28 14.52 -20.68
C11 PGT E . 9.84 13.77 -19.75
O11 PGT E . 9.77 12.56 -19.72
C12 PGT E . 10.57 14.60 -18.74
C13 PGT E . 9.77 15.83 -18.34
C14 PGT E . 10.63 16.97 -17.84
C15 PGT E . 9.82 18.05 -17.12
C16 PGT E . 10.58 19.34 -16.91
C17 PGT E . 9.80 20.33 -16.06
C18 PGT E . 10.47 21.70 -15.95
C19 PGT E . 9.75 22.62 -14.97
C20 PGT E . 10.64 23.73 -14.43
C21 PGT E . 9.99 24.50 -13.28
C22 PGT E . 9.52 23.60 -12.15
C23 PGT E . 8.50 24.27 -11.25
C24 PGT E . 8.01 23.38 -10.11
C25 PGT E . 7.00 24.06 -9.20
C43 PGT F . -5.76 3.44 30.93
C42 PGT F . -7.07 2.65 30.96
C41 PGT F . -6.91 1.21 30.48
C40 PGT F . -8.14 0.35 30.75
C39 PGT F . -7.90 -1.13 30.55
C38 PGT F . -8.99 -2.00 31.16
C37 PGT F . -8.68 -3.49 31.07
C36 PGT F . -8.62 -4.02 29.64
C35 PGT F . -9.49 -5.26 29.43
C34 PGT F . -9.14 -6.03 28.17
C33 PGT F . -10.00 -7.26 27.97
C32 PGT F . -9.35 -8.26 27.02
C31 PGT F . -10.22 -9.44 26.70
O31 PGT F . -11.36 -9.57 27.07
O2 PGT F . -9.57 -10.34 25.97
C2 PGT F . -9.45 -10.12 24.55
C1 PGT F . -10.30 -11.10 23.76
O3P PGT F . -10.52 -10.68 22.43
P PGT F . -10.16 -11.71 21.20
O1P PGT F . -8.94 -12.49 21.55
O2P PGT F . -10.21 -11.00 19.89
O4P PGT F . -11.51 -12.63 21.42
C4 PGT F . -12.78 -12.02 21.43
C5 PGT F . -13.28 -11.85 20.00
O5 PGT F . -14.67 -11.63 19.95
C6 PGT F . -12.84 -13.02 19.14
O6 PGT F . -13.38 -12.86 17.85
C3 PGT F . -7.98 -10.16 24.21
O3 PGT F . -7.49 -8.84 24.06
C11 PGT F . -8.05 -8.07 23.14
O11 PGT F . -8.48 -8.47 22.09
C12 PGT F . -8.05 -6.63 23.59
C13 PGT F . -6.73 -6.24 24.23
C14 PGT F . -6.87 -5.08 25.21
C15 PGT F . -5.52 -4.47 25.57
C16 PGT F . -5.59 -3.56 26.78
C17 PGT F . -4.26 -2.84 27.03
C18 PGT F . -4.24 -2.05 28.34
C19 PGT F . -2.97 -1.22 28.48
C20 PGT F . -3.14 -0.03 29.42
C21 PGT F . -1.98 0.95 29.35
C22 PGT F . -1.66 1.40 27.93
C23 PGT F . -0.26 1.99 27.79
C24 PGT F . 0.07 2.43 26.37
C25 PGT F . 1.46 3.04 26.24
#